data_4EG8
#
_entry.id   4EG8
#
_cell.length_a   87.861
_cell.length_b   105.727
_cell.length_c   206.649
_cell.angle_alpha   90.00
_cell.angle_beta   90.00
_cell.angle_gamma   90.00
#
_symmetry.space_group_name_H-M   'P 21 21 21'
#
loop_
_entity.id
_entity.type
_entity.pdbx_description
1 polymer 'Methionyl-tRNA synthetase, putative'
2 non-polymer GLYCEROL
3 non-polymer 'DIMETHYL SULFOXIDE'
4 non-polymer METHIONINE
5 non-polymer 2-aminoquinolin-8-ol
6 water water
#
_entity_poly.entity_id   1
_entity_poly.type   'polypeptide(L)'
_entity_poly.pdbx_seq_one_letter_code
;GPGSMKVEKVFFVTSPIYYVNAAPHIGHVYSTLITDVIGRYHRVKGERVFALTGTDEHGQKVAEAAKQKQVSPYDFTTAV
AGEFKKCFEQMDYSIDYFIRTTNEQHKAVVKELWTKLEQKGDIYLGRYEGWYSISDESFLTPQNITDGVDKDGNPCKVSL
ESGHVVTWVSEENYMFRLSAFRERLLEWYHANPGCIVPEFRRREVIRAVEKGLPDLSVSRARATLHNWAIPVPGNPDH
(CAS)VYVWLDALTNYLTGSRLRVDESGKEVSLVDDFNELERFPADVHVIGKDILKFHAIYWPAFLLSAGLPLPKKIVAH
GWWTKDRKKISKSLGNVFDPVEKAEEFGYDALKYFLLRESGFSDDGDYSDKNMIARLNGELADTLGNLVMRCTSAKINVN
GEWPSPAAYTEEDESLIQLIKDLPGTADHYYLIPDIQKAIIAVFDVLRAINAYVTDMAPWKLVKTDPERLRTVLYITLEG
VRVTTLLLSPILPRKSVVIFDMLGVPEVHRKGIENFEFGAVPPGTRLGPAVEGEVLFSKRSTENTKST
;
_entity_poly.pdbx_strand_id   A,B
#
loop_
_chem_comp.id
_chem_comp.type
_chem_comp.name
_chem_comp.formula
0P6 non-polymer 2-aminoquinolin-8-ol 'C9 H8 N2 O'
DMS non-polymer 'DIMETHYL SULFOXIDE' 'C2 H6 O S'
GOL non-polymer GLYCEROL 'C3 H8 O3'
#
# COMPACT_ATOMS: atom_id res chain seq x y z
N VAL A 7 -8.97 26.47 -14.99
CA VAL A 7 -10.29 27.10 -15.30
C VAL A 7 -11.39 26.55 -14.37
N GLU A 8 -12.20 27.46 -13.81
CA GLU A 8 -13.28 27.11 -12.91
C GLU A 8 -14.61 27.06 -13.66
N LYS A 9 -15.15 25.86 -13.81
CA LYS A 9 -16.41 25.62 -14.48
C LYS A 9 -17.21 24.62 -13.65
N VAL A 10 -18.41 24.24 -14.11
CA VAL A 10 -19.15 23.17 -13.46
C VAL A 10 -18.54 21.90 -13.96
N PHE A 11 -18.16 21.01 -13.05
CA PHE A 11 -17.66 19.72 -13.44
C PHE A 11 -18.82 18.95 -14.07
N PHE A 12 -18.64 18.52 -15.32
CA PHE A 12 -19.71 17.94 -16.09
C PHE A 12 -19.39 16.50 -16.38
N VAL A 13 -20.17 15.58 -15.81
CA VAL A 13 -19.96 14.15 -15.98
C VAL A 13 -21.25 13.49 -16.44
N THR A 14 -21.12 12.57 -17.39
CA THR A 14 -22.29 11.99 -18.07
C THR A 14 -22.21 10.49 -18.13
N SER A 15 -23.38 9.89 -18.29
CA SER A 15 -23.50 8.47 -18.59
C SER A 15 -23.99 8.41 -20.03
N PRO A 16 -23.95 7.22 -20.63
CA PRO A 16 -24.61 7.06 -21.92
C PRO A 16 -26.10 7.25 -21.71
N ILE A 17 -26.83 7.67 -22.76
CA ILE A 17 -28.29 7.63 -22.71
C ILE A 17 -28.73 6.30 -23.32
N TYR A 18 -29.57 5.55 -22.62
CA TYR A 18 -29.79 4.12 -22.93
C TYR A 18 -30.99 3.87 -23.83
N TYR A 19 -30.86 2.98 -24.82
CA TYR A 19 -32.01 2.58 -25.64
C TYR A 19 -33.13 2.09 -24.76
N VAL A 20 -34.36 2.43 -25.13
CA VAL A 20 -35.56 2.04 -24.36
C VAL A 20 -36.35 0.91 -25.04
N ASN A 21 -35.65 0.05 -25.77
CA ASN A 21 -36.24 -1.15 -26.38
C ASN A 21 -36.64 -2.23 -25.36
N ALA A 22 -36.12 -2.11 -24.14
CA ALA A 22 -36.28 -3.12 -23.11
C ALA A 22 -36.05 -2.50 -21.75
N ALA A 23 -36.51 -3.21 -20.72
CA ALA A 23 -36.39 -2.78 -19.34
C ALA A 23 -34.93 -2.56 -18.97
N PRO A 24 -34.68 -1.67 -17.98
CA PRO A 24 -33.32 -1.47 -17.50
C PRO A 24 -32.78 -2.71 -16.78
N HIS A 25 -31.46 -2.84 -16.80
CA HIS A 25 -30.77 -3.98 -16.20
C HIS A 25 -29.41 -3.53 -15.68
N ILE A 26 -28.59 -4.50 -15.28
CA ILE A 26 -27.30 -4.21 -14.64
C ILE A 26 -26.40 -3.26 -15.44
N GLY A 27 -26.26 -3.45 -16.74
CA GLY A 27 -25.35 -2.60 -17.53
C GLY A 27 -25.62 -1.10 -17.43
N HIS A 28 -26.91 -0.76 -17.44
CA HIS A 28 -27.34 0.63 -17.33
C HIS A 28 -27.09 1.09 -15.93
N VAL A 29 -27.49 0.27 -14.95
CA VAL A 29 -27.25 0.57 -13.54
C VAL A 29 -25.73 0.83 -13.25
N TYR A 30 -24.87 0.02 -13.86
CA TYR A 30 -23.45 0.09 -13.61
C TYR A 30 -22.88 1.36 -14.19
N SER A 31 -23.23 1.65 -15.45
CA SER A 31 -22.76 2.87 -16.11
C SER A 31 -23.20 4.09 -15.34
N THR A 32 -24.46 4.13 -14.94
CA THR A 32 -24.96 5.30 -14.22
C THR A 32 -24.30 5.37 -12.83
N LEU A 33 -24.04 4.22 -12.22
CA LEU A 33 -23.33 4.23 -10.93
C LEU A 33 -21.96 4.93 -11.05
N ILE A 34 -21.22 4.62 -12.11
CA ILE A 34 -19.88 5.19 -12.31
C ILE A 34 -19.99 6.69 -12.48
N THR A 35 -20.95 7.12 -13.29
CA THR A 35 -21.23 8.53 -13.43
C THR A 35 -21.55 9.15 -12.07
N ASP A 36 -22.44 8.51 -11.32
CA ASP A 36 -22.87 9.02 -10.02
C ASP A 36 -21.70 9.19 -9.07
N VAL A 37 -20.83 8.19 -9.03
CA VAL A 37 -19.72 8.17 -8.08
C VAL A 37 -18.73 9.29 -8.37
N ILE A 38 -18.38 9.45 -9.64
CA ILE A 38 -17.46 10.51 -10.04
C ILE A 38 -18.06 11.85 -9.60
N GLY A 39 -19.33 12.07 -9.90
CA GLY A 39 -19.99 13.32 -9.52
C GLY A 39 -19.94 13.53 -8.02
N ARG A 40 -20.25 12.47 -7.28
CA ARG A 40 -20.26 12.53 -5.82
C ARG A 40 -18.89 12.91 -5.28
N TYR A 41 -17.82 12.33 -5.82
CA TYR A 41 -16.47 12.65 -5.34
C TYR A 41 -16.16 14.14 -5.53
N HIS A 42 -16.49 14.66 -6.69
CA HIS A 42 -16.24 16.06 -6.98
C HIS A 42 -17.10 16.99 -6.15
N ARG A 43 -18.31 16.55 -5.80
CA ARG A 43 -19.09 17.33 -4.86
C ARG A 43 -18.47 17.34 -3.48
N VAL A 44 -17.84 16.24 -3.04
CA VAL A 44 -17.24 16.22 -1.69
C VAL A 44 -15.97 17.06 -1.67
N LYS A 45 -15.34 17.24 -2.82
CA LYS A 45 -14.25 18.20 -2.97
C LYS A 45 -14.76 19.65 -2.95
N GLY A 46 -16.08 19.82 -2.99
CA GLY A 46 -16.68 21.14 -2.90
C GLY A 46 -16.78 21.85 -4.24
N GLU A 47 -16.73 21.07 -5.32
CA GLU A 47 -16.88 21.60 -6.67
C GLU A 47 -18.34 21.65 -7.11
N ARG A 48 -18.64 22.52 -8.07
CA ARG A 48 -19.96 22.52 -8.72
C ARG A 48 -20.00 21.32 -9.64
N VAL A 49 -21.08 20.53 -9.56
CA VAL A 49 -21.17 19.32 -10.37
C VAL A 49 -22.51 19.27 -11.09
N PHE A 50 -22.49 18.77 -12.32
CA PHE A 50 -23.70 18.47 -13.04
C PHE A 50 -23.58 17.09 -13.64
N ALA A 51 -24.29 16.11 -13.07
CA ALA A 51 -24.24 14.75 -13.56
C ALA A 51 -25.49 14.47 -14.39
N LEU A 52 -25.31 13.78 -15.51
CA LEU A 52 -26.37 13.59 -16.49
C LEU A 52 -26.51 12.12 -16.86
N THR A 53 -27.76 11.67 -16.99
CA THR A 53 -28.08 10.35 -17.51
C THR A 53 -29.39 10.47 -18.29
N GLY A 54 -29.84 9.38 -18.90
CA GLY A 54 -31.12 9.41 -19.61
C GLY A 54 -31.35 8.31 -20.63
N THR A 55 -32.31 8.55 -21.50
CA THR A 55 -32.77 7.53 -22.43
C THR A 55 -32.72 8.00 -23.86
N ASP A 56 -32.37 7.05 -24.73
CA ASP A 56 -32.19 7.25 -26.16
C ASP A 56 -33.42 6.67 -26.83
N GLU A 57 -34.32 7.52 -27.30
CA GLU A 57 -35.69 7.08 -27.55
C GLU A 57 -36.14 6.97 -29.01
N HIS A 58 -35.37 7.53 -29.94
CA HIS A 58 -35.69 7.40 -31.36
C HIS A 58 -35.05 6.19 -31.97
N GLY A 59 -35.35 5.94 -33.24
CA GLY A 59 -34.66 4.93 -34.02
C GLY A 59 -35.48 3.71 -34.38
N GLN A 60 -34.92 2.95 -35.32
CA GLN A 60 -35.51 1.73 -35.84
C GLN A 60 -35.58 0.68 -34.74
N LYS A 61 -34.49 0.55 -33.98
CA LYS A 61 -34.41 -0.42 -32.89
C LYS A 61 -35.61 -0.25 -31.98
N VAL A 62 -35.75 0.95 -31.44
CA VAL A 62 -36.81 1.25 -30.47
C VAL A 62 -38.19 1.24 -31.11
N ALA A 63 -38.32 1.80 -32.31
CA ALA A 63 -39.62 1.83 -32.99
C ALA A 63 -40.10 0.41 -33.24
N GLU A 64 -39.18 -0.48 -33.59
CA GLU A 64 -39.54 -1.87 -33.86
C GLU A 64 -39.78 -2.65 -32.58
N ALA A 65 -39.10 -2.27 -31.51
CA ALA A 65 -39.40 -2.85 -30.19
C ALA A 65 -40.84 -2.51 -29.77
N ALA A 66 -41.26 -1.28 -30.05
CA ALA A 66 -42.61 -0.81 -29.76
C ALA A 66 -43.66 -1.53 -30.61
N LYS A 67 -43.33 -1.78 -31.87
CA LYS A 67 -44.24 -2.43 -32.78
C LYS A 67 -44.47 -3.90 -32.38
N GLN A 68 -43.43 -4.55 -31.84
CA GLN A 68 -43.53 -5.95 -31.40
C GLN A 68 -44.38 -6.12 -30.14
N LYS A 69 -44.41 -5.07 -29.31
CA LYS A 69 -45.34 -5.01 -28.17
C LYS A 69 -46.70 -4.39 -28.57
N GLN A 70 -46.93 -4.19 -29.87
CA GLN A 70 -48.19 -3.68 -30.39
C GLN A 70 -48.75 -2.48 -29.61
N VAL A 71 -47.98 -1.39 -29.59
CA VAL A 71 -48.40 -0.11 -28.97
C VAL A 71 -47.57 1.03 -29.55
N SER A 72 -48.06 2.26 -29.44
CA SER A 72 -47.42 3.39 -30.12
C SER A 72 -46.05 3.73 -29.54
N PRO A 73 -45.15 4.27 -30.38
CA PRO A 73 -43.82 4.63 -29.91
C PRO A 73 -43.82 5.70 -28.81
N TYR A 74 -44.75 6.65 -28.86
CA TYR A 74 -44.87 7.67 -27.82
C TYR A 74 -45.19 6.97 -26.49
N ASP A 75 -46.21 6.13 -26.50
CA ASP A 75 -46.61 5.40 -25.27
C ASP A 75 -45.55 4.42 -24.76
N PHE A 76 -44.87 3.76 -25.70
CA PHE A 76 -43.86 2.79 -25.35
C PHE A 76 -42.64 3.46 -24.71
N THR A 77 -42.06 4.43 -25.42
CA THR A 77 -40.90 5.15 -24.92
C THR A 77 -41.19 5.81 -23.56
N THR A 78 -42.34 6.46 -23.42
CA THR A 78 -42.72 7.06 -22.14
C THR A 78 -42.79 6.02 -21.01
N ALA A 79 -43.34 4.84 -21.31
CA ALA A 79 -43.44 3.77 -20.29
C ALA A 79 -42.05 3.28 -19.87
N VAL A 80 -41.22 2.95 -20.86
CA VAL A 80 -39.90 2.36 -20.58
C VAL A 80 -39.00 3.38 -19.92
N ALA A 81 -39.03 4.62 -20.41
CA ALA A 81 -38.32 5.72 -19.76
C ALA A 81 -38.75 5.83 -18.29
N GLY A 82 -40.04 5.68 -18.04
CA GLY A 82 -40.54 5.64 -16.67
C GLY A 82 -39.90 4.54 -15.83
N GLU A 83 -39.67 3.36 -16.44
CA GLU A 83 -39.01 2.25 -15.76
C GLU A 83 -37.56 2.60 -15.43
N PHE A 84 -36.87 3.23 -16.37
CA PHE A 84 -35.51 3.71 -16.11
C PHE A 84 -35.45 4.71 -14.96
N LYS A 85 -36.36 5.68 -14.94
CA LYS A 85 -36.39 6.70 -13.87
C LYS A 85 -36.62 6.07 -12.51
N LYS A 86 -37.60 5.16 -12.45
CA LYS A 86 -37.94 4.46 -11.22
C LYS A 86 -36.75 3.65 -10.69
N CYS A 87 -36.07 2.97 -11.61
CA CYS A 87 -34.92 2.15 -11.29
C CYS A 87 -33.84 3.04 -10.69
N PHE A 88 -33.53 4.14 -11.36
CA PHE A 88 -32.46 5.00 -10.91
C PHE A 88 -32.78 5.71 -9.58
N GLU A 89 -34.06 5.99 -9.32
CA GLU A 89 -34.46 6.51 -8.02
C GLU A 89 -34.25 5.44 -6.97
N GLN A 90 -34.66 4.22 -7.28
CA GLN A 90 -34.55 3.13 -6.33
C GLN A 90 -33.07 2.83 -6.02
N MET A 91 -32.20 3.02 -6.99
CA MET A 91 -30.76 2.82 -6.78
C MET A 91 -30.12 3.94 -5.98
N ASP A 92 -30.87 5.00 -5.68
CA ASP A 92 -30.40 6.04 -4.77
C ASP A 92 -29.14 6.70 -5.30
N TYR A 93 -29.21 7.14 -6.56
CA TYR A 93 -28.15 7.92 -7.19
C TYR A 93 -28.36 9.39 -6.87
N SER A 94 -27.41 10.24 -7.27
CA SER A 94 -27.53 11.69 -7.11
C SER A 94 -27.32 12.37 -8.45
N ILE A 95 -27.96 11.85 -9.50
CA ILE A 95 -27.88 12.44 -10.83
C ILE A 95 -28.68 13.73 -10.86
N ASP A 96 -28.15 14.76 -11.51
CA ASP A 96 -28.81 16.06 -11.54
C ASP A 96 -29.93 16.15 -12.55
N TYR A 97 -29.82 15.44 -13.66
CA TYR A 97 -30.85 15.52 -14.68
C TYR A 97 -30.93 14.28 -15.54
N PHE A 98 -32.17 13.92 -15.87
CA PHE A 98 -32.50 12.76 -16.67
C PHE A 98 -33.03 13.28 -18.00
N ILE A 99 -32.29 13.08 -19.08
CA ILE A 99 -32.64 13.65 -20.36
C ILE A 99 -33.29 12.59 -21.22
N ARG A 100 -34.29 12.99 -21.98
CA ARG A 100 -34.96 12.10 -22.92
C ARG A 100 -34.84 12.71 -24.30
N THR A 101 -34.41 11.93 -25.28
CA THR A 101 -34.20 12.48 -26.61
C THR A 101 -35.49 12.89 -27.30
N THR A 102 -36.64 12.44 -26.79
CA THR A 102 -37.93 12.92 -27.30
C THR A 102 -38.25 14.33 -26.84
N ASN A 103 -37.53 14.80 -25.83
CA ASN A 103 -37.68 16.18 -25.35
C ASN A 103 -37.58 17.17 -26.51
N GLU A 104 -38.50 18.11 -26.54
CA GLU A 104 -38.61 19.08 -27.62
C GLU A 104 -37.39 20.02 -27.68
N GLN A 105 -36.78 20.32 -26.53
CA GLN A 105 -35.61 21.21 -26.48
C GLN A 105 -34.35 20.52 -27.04
N HIS A 106 -34.20 19.23 -26.77
CA HIS A 106 -33.13 18.44 -27.39
C HIS A 106 -33.27 18.41 -28.88
N LYS A 107 -34.51 18.21 -29.34
CA LYS A 107 -34.83 18.20 -30.74
C LYS A 107 -34.29 19.48 -31.41
N ALA A 108 -34.50 20.62 -30.75
CA ALA A 108 -34.04 21.92 -31.23
C ALA A 108 -32.51 22.01 -31.32
N VAL A 109 -31.83 21.46 -30.31
CA VAL A 109 -30.38 21.47 -30.26
C VAL A 109 -29.81 20.61 -31.41
N VAL A 110 -30.42 19.47 -31.68
CA VAL A 110 -30.00 18.61 -32.78
C VAL A 110 -30.08 19.37 -34.10
N LYS A 111 -31.20 20.03 -34.35
CA LYS A 111 -31.36 20.81 -35.58
C LYS A 111 -30.32 21.91 -35.69
N GLU A 112 -29.97 22.52 -34.57
CA GLU A 112 -28.90 23.52 -34.53
C GLU A 112 -27.57 22.89 -34.95
N LEU A 113 -27.22 21.79 -34.32
CA LEU A 113 -25.93 21.15 -34.59
C LEU A 113 -25.87 20.73 -36.04
N TRP A 114 -26.93 20.14 -36.54
CA TRP A 114 -26.98 19.70 -37.94
C TRP A 114 -26.69 20.84 -38.89
N THR A 115 -27.38 21.95 -38.66
CA THR A 115 -27.27 23.12 -39.51
C THR A 115 -25.83 23.63 -39.48
N LYS A 116 -25.24 23.63 -38.28
CA LYS A 116 -23.84 24.05 -38.13
C LYS A 116 -22.95 23.15 -38.98
N LEU A 117 -23.14 21.83 -38.88
CA LEU A 117 -22.33 20.90 -39.66
C LEU A 117 -22.52 21.13 -41.17
N GLU A 118 -23.74 21.48 -41.58
CA GLU A 118 -24.03 21.72 -42.99
C GLU A 118 -23.41 23.01 -43.46
N GLN A 119 -23.59 24.09 -42.71
CA GLN A 119 -22.99 25.37 -43.05
C GLN A 119 -21.45 25.29 -43.10
N LYS A 120 -20.89 24.40 -42.30
CA LYS A 120 -19.44 24.18 -42.29
C LYS A 120 -18.93 23.44 -43.55
N GLY A 121 -19.87 22.89 -44.33
CA GLY A 121 -19.54 22.25 -45.59
C GLY A 121 -19.25 20.78 -45.41
N ASP A 122 -19.60 20.22 -44.27
CA ASP A 122 -19.21 18.86 -43.92
C ASP A 122 -20.34 17.85 -44.03
N ILE A 123 -21.50 18.26 -44.54
CA ILE A 123 -22.56 17.31 -44.86
C ILE A 123 -22.96 17.37 -46.34
N TYR A 124 -22.96 16.22 -47.02
CA TYR A 124 -23.32 16.17 -48.44
C TYR A 124 -24.25 15.01 -48.73
N LEU A 125 -24.93 15.05 -49.87
CA LEU A 125 -25.86 13.99 -50.24
C LEU A 125 -25.10 12.91 -50.96
N GLY A 126 -25.07 11.71 -50.37
CA GLY A 126 -24.43 10.54 -50.99
C GLY A 126 -25.27 9.29 -50.87
N ARG A 127 -24.61 8.13 -50.81
CA ARG A 127 -25.25 6.84 -50.54
C ARG A 127 -24.44 6.06 -49.54
N TYR A 128 -25.11 5.28 -48.70
CA TYR A 128 -24.47 4.22 -47.99
C TYR A 128 -24.93 2.91 -48.62
N GLU A 129 -23.99 2.07 -49.00
CA GLU A 129 -24.28 0.73 -49.48
C GLU A 129 -23.39 -0.20 -48.68
N GLY A 130 -23.97 -0.90 -47.71
CA GLY A 130 -23.17 -1.73 -46.82
C GLY A 130 -23.97 -2.31 -45.68
N TRP A 131 -23.28 -2.95 -44.75
CA TRP A 131 -23.92 -3.65 -43.64
C TRP A 131 -24.31 -2.71 -42.58
N TYR A 132 -25.32 -3.10 -41.81
CA TYR A 132 -25.80 -2.28 -40.69
C TYR A 132 -26.42 -3.19 -39.64
N SER A 133 -26.12 -2.93 -38.38
CA SER A 133 -26.71 -3.66 -37.26
C SER A 133 -27.77 -2.78 -36.63
N ILE A 134 -29.04 -3.19 -36.76
CA ILE A 134 -30.13 -2.36 -36.23
C ILE A 134 -30.05 -2.32 -34.73
N SER A 135 -29.74 -3.47 -34.12
CA SER A 135 -29.64 -3.57 -32.67
C SER A 135 -28.60 -2.65 -32.05
N ASP A 136 -27.51 -2.38 -32.77
CA ASP A 136 -26.45 -1.50 -32.30
C ASP A 136 -26.52 -0.12 -32.95
N GLU A 137 -27.45 0.03 -33.89
CA GLU A 137 -27.54 1.19 -34.77
C GLU A 137 -26.17 1.56 -35.36
N SER A 138 -25.43 0.54 -35.81
CA SER A 138 -24.04 0.71 -36.20
C SER A 138 -23.78 0.31 -37.65
N PHE A 139 -23.05 1.17 -38.37
CA PHE A 139 -22.54 0.82 -39.69
C PHE A 139 -21.32 -0.07 -39.55
N LEU A 140 -21.28 -1.16 -40.33
CA LEU A 140 -20.20 -2.13 -40.22
C LEU A 140 -19.57 -2.42 -41.58
N THR A 141 -18.26 -2.58 -41.61
CA THR A 141 -17.56 -2.98 -42.82
C THR A 141 -17.64 -4.50 -42.94
N PRO A 142 -17.41 -5.06 -44.14
CA PRO A 142 -17.53 -6.51 -44.28
C PRO A 142 -16.55 -7.30 -43.38
N GLN A 143 -15.45 -6.67 -42.98
CA GLN A 143 -14.47 -7.31 -42.11
C GLN A 143 -15.03 -7.48 -40.69
N ASN A 144 -16.04 -6.69 -40.33
CA ASN A 144 -16.66 -6.77 -39.03
C ASN A 144 -17.97 -7.57 -38.98
N ILE A 145 -18.26 -8.34 -40.03
CA ILE A 145 -19.41 -9.26 -39.99
C ILE A 145 -18.95 -10.70 -40.20
N THR A 146 -19.78 -11.64 -39.78
CA THR A 146 -19.49 -13.05 -39.96
C THR A 146 -20.79 -13.84 -40.04
N ASP A 147 -20.69 -15.13 -40.28
CA ASP A 147 -21.87 -15.99 -40.40
C ASP A 147 -22.45 -16.32 -39.04
N GLY A 148 -23.78 -16.42 -38.98
CA GLY A 148 -24.47 -16.81 -37.75
C GLY A 148 -25.87 -17.32 -38.03
N VAL A 149 -26.71 -17.29 -36.99
CA VAL A 149 -28.12 -17.69 -37.12
C VAL A 149 -29.07 -16.65 -36.52
N ASP A 150 -30.17 -16.43 -37.24
CA ASP A 150 -31.25 -15.55 -36.75
C ASP A 150 -32.11 -16.34 -35.78
N LYS A 151 -33.07 -15.66 -35.15
CA LYS A 151 -33.94 -16.30 -34.15
C LYS A 151 -34.97 -17.26 -34.79
N ASP A 152 -34.88 -17.46 -36.11
CA ASP A 152 -35.51 -18.60 -36.80
C ASP A 152 -34.57 -19.81 -36.89
N GLY A 153 -33.28 -19.61 -36.57
CA GLY A 153 -32.25 -20.63 -36.78
C GLY A 153 -31.81 -20.80 -38.23
N ASN A 154 -32.15 -19.82 -39.07
CA ASN A 154 -31.71 -19.82 -40.47
C ASN A 154 -30.36 -19.11 -40.59
N PRO A 155 -29.57 -19.48 -41.62
CA PRO A 155 -28.27 -18.85 -41.77
C PRO A 155 -28.43 -17.38 -42.10
N CYS A 156 -27.68 -16.54 -41.42
CA CYS A 156 -27.69 -15.11 -41.69
C CYS A 156 -26.30 -14.57 -41.39
N LYS A 157 -26.14 -13.25 -41.49
CA LYS A 157 -24.91 -12.59 -41.09
C LYS A 157 -25.12 -11.89 -39.76
N VAL A 158 -24.05 -11.80 -38.99
CA VAL A 158 -24.08 -11.18 -37.67
C VAL A 158 -22.88 -10.26 -37.47
N SER A 159 -22.98 -9.39 -36.47
CA SER A 159 -21.87 -8.52 -36.12
C SER A 159 -20.80 -9.28 -35.39
N LEU A 160 -19.54 -9.03 -35.74
CA LEU A 160 -18.42 -9.54 -34.94
C LEU A 160 -18.34 -8.80 -33.61
N GLU A 161 -18.74 -7.53 -33.60
CA GLU A 161 -18.78 -6.76 -32.34
C GLU A 161 -19.73 -7.44 -31.34
N SER A 162 -20.97 -7.63 -31.73
CA SER A 162 -22.03 -7.91 -30.77
C SER A 162 -22.80 -9.20 -31.00
N GLY A 163 -22.62 -9.82 -32.16
CA GLY A 163 -23.36 -11.03 -32.49
C GLY A 163 -24.80 -10.83 -32.93
N HIS A 164 -25.22 -9.57 -33.08
CA HIS A 164 -26.58 -9.28 -33.54
C HIS A 164 -26.72 -9.39 -35.03
N VAL A 165 -27.94 -9.67 -35.48
CA VAL A 165 -28.20 -9.81 -36.91
C VAL A 165 -27.92 -8.50 -37.68
N VAL A 166 -27.23 -8.62 -38.79
CA VAL A 166 -26.92 -7.49 -39.66
C VAL A 166 -27.74 -7.55 -40.96
N THR A 167 -28.05 -6.38 -41.50
CA THR A 167 -28.80 -6.28 -42.73
C THR A 167 -28.08 -5.35 -43.67
N TRP A 168 -28.27 -5.58 -44.97
CA TRP A 168 -27.66 -4.76 -45.99
C TRP A 168 -28.55 -3.58 -46.27
N VAL A 169 -27.96 -2.39 -46.24
CA VAL A 169 -28.68 -1.15 -46.46
C VAL A 169 -28.16 -0.51 -47.75
N SER A 170 -29.06 -0.06 -48.62
CA SER A 170 -28.67 0.68 -49.81
C SER A 170 -29.60 1.87 -49.99
N GLU A 171 -29.09 3.06 -49.70
CA GLU A 171 -29.93 4.22 -49.47
C GLU A 171 -29.18 5.48 -49.78
N GLU A 172 -29.83 6.37 -50.53
CA GLU A 172 -29.39 7.76 -50.62
C GLU A 172 -29.52 8.40 -49.22
N ASN A 173 -28.40 8.90 -48.69
CA ASN A 173 -28.28 9.38 -47.31
C ASN A 173 -27.42 10.62 -47.27
N TYR A 174 -27.67 11.51 -46.30
CA TYR A 174 -26.76 12.62 -46.04
C TYR A 174 -25.53 12.03 -45.36
N MET A 175 -24.34 12.42 -45.84
CA MET A 175 -23.09 11.88 -45.35
C MET A 175 -22.29 12.97 -44.65
N PHE A 176 -21.73 12.63 -43.49
CA PHE A 176 -20.80 13.51 -42.78
C PHE A 176 -19.38 13.22 -43.23
N ARG A 177 -18.54 14.25 -43.33
CA ARG A 177 -17.19 14.11 -43.91
C ARG A 177 -16.15 13.63 -42.91
N LEU A 178 -16.40 12.46 -42.33
CA LEU A 178 -15.53 11.98 -41.27
C LEU A 178 -14.09 11.77 -41.79
N SER A 179 -13.97 11.37 -43.04
CA SER A 179 -12.67 11.14 -43.66
C SER A 179 -11.76 12.34 -43.51
N ALA A 180 -12.35 13.55 -43.56
CA ALA A 180 -11.60 14.81 -43.44
C ALA A 180 -10.99 15.07 -42.05
N PHE A 181 -11.40 14.30 -41.05
CA PHE A 181 -11.09 14.60 -39.66
C PHE A 181 -10.05 13.66 -39.07
N ARG A 182 -9.47 12.81 -39.91
CA ARG A 182 -8.48 11.84 -39.45
C ARG A 182 -7.31 12.50 -38.75
N GLU A 183 -6.62 13.40 -39.44
CA GLU A 183 -5.43 14.04 -38.88
C GLU A 183 -5.71 14.84 -37.62
N ARG A 184 -6.86 15.52 -37.58
CA ARG A 184 -7.20 16.34 -36.42
C ARG A 184 -7.50 15.49 -35.19
N LEU A 185 -8.15 14.34 -35.41
CA LEU A 185 -8.44 13.40 -34.33
C LEU A 185 -7.15 12.77 -33.80
N LEU A 186 -6.25 12.41 -34.71
CA LEU A 186 -4.95 11.89 -34.33
C LEU A 186 -4.12 12.89 -33.51
N GLU A 187 -4.16 14.17 -33.87
CA GLU A 187 -3.48 15.22 -33.10
C GLU A 187 -4.09 15.31 -31.71
N TRP A 188 -5.41 15.19 -31.66
CA TRP A 188 -6.14 15.26 -30.42
C TRP A 188 -5.75 14.14 -29.48
N TYR A 189 -5.69 12.91 -30.02
CA TYR A 189 -5.37 11.74 -29.17
C TYR A 189 -3.95 11.87 -28.62
N HIS A 190 -3.01 12.30 -29.45
CA HIS A 190 -1.61 12.39 -29.01
C HIS A 190 -1.35 13.55 -28.09
N ALA A 191 -2.00 14.68 -28.34
CA ALA A 191 -1.81 15.88 -27.52
C ALA A 191 -2.45 15.73 -26.17
N ASN A 192 -3.39 14.80 -26.06
CA ASN A 192 -4.13 14.57 -24.82
C ASN A 192 -4.14 13.08 -24.47
N PRO A 193 -2.97 12.55 -24.07
CA PRO A 193 -2.81 11.11 -23.85
C PRO A 193 -3.62 10.52 -22.71
N GLY A 194 -4.28 11.36 -21.92
CA GLY A 194 -5.23 10.87 -20.92
C GLY A 194 -6.69 11.01 -21.32
N CYS A 195 -6.97 11.31 -22.59
CA CYS A 195 -8.32 11.63 -23.02
C CYS A 195 -9.23 10.41 -23.13
N ILE A 196 -8.66 9.26 -23.46
CA ILE A 196 -9.40 8.01 -23.47
C ILE A 196 -8.78 7.11 -22.42
N VAL A 197 -9.60 6.54 -21.55
CA VAL A 197 -9.18 5.67 -20.46
C VAL A 197 -10.03 4.41 -20.50
N PRO A 198 -9.44 3.22 -20.27
CA PRO A 198 -8.05 2.91 -19.98
C PRO A 198 -7.17 2.90 -21.22
N GLU A 199 -5.88 2.88 -21.00
CA GLU A 199 -4.90 3.17 -22.03
C GLU A 199 -4.98 2.22 -23.23
N PHE A 200 -5.28 0.95 -23.02
CA PHE A 200 -5.34 0.02 -24.15
C PHE A 200 -6.51 0.32 -25.10
N ARG A 201 -7.57 0.94 -24.58
CA ARG A 201 -8.71 1.34 -25.41
C ARG A 201 -8.37 2.59 -26.20
N ARG A 202 -7.56 3.45 -25.60
CA ARG A 202 -7.01 4.58 -26.33
C ARG A 202 -6.17 4.14 -27.51
N ARG A 203 -5.27 3.20 -27.25
CA ARG A 203 -4.45 2.64 -28.34
C ARG A 203 -5.32 1.97 -29.40
N GLU A 204 -6.45 1.38 -28.99
CA GLU A 204 -7.39 0.79 -29.94
C GLU A 204 -7.98 1.85 -30.88
N VAL A 205 -8.43 2.96 -30.31
CA VAL A 205 -8.98 4.06 -31.09
C VAL A 205 -7.93 4.63 -32.04
N ILE A 206 -6.72 4.89 -31.55
CA ILE A 206 -5.68 5.46 -32.40
C ILE A 206 -5.41 4.53 -33.58
N ARG A 207 -5.25 3.24 -33.32
CA ARG A 207 -5.01 2.25 -34.37
C ARG A 207 -6.09 2.30 -35.43
N ALA A 208 -7.35 2.32 -34.99
CA ALA A 208 -8.48 2.33 -35.91
C ALA A 208 -8.47 3.58 -36.77
N VAL A 209 -8.16 4.73 -36.17
CA VAL A 209 -8.15 5.97 -36.93
C VAL A 209 -6.90 6.10 -37.82
N GLU A 210 -5.78 5.54 -37.38
CA GLU A 210 -4.59 5.47 -38.24
C GLU A 210 -4.91 4.84 -39.60
N LYS A 211 -5.73 3.79 -39.60
CA LYS A 211 -6.00 3.00 -40.82
C LYS A 211 -6.85 3.76 -41.85
N GLY A 212 -7.50 4.83 -41.42
CA GLY A 212 -8.27 5.68 -42.31
C GLY A 212 -9.73 5.63 -41.92
N LEU A 213 -10.46 6.70 -42.24
CA LEU A 213 -11.86 6.77 -41.88
C LEU A 213 -12.70 7.04 -43.10
N PRO A 214 -13.78 6.30 -43.27
CA PRO A 214 -14.75 6.61 -44.31
C PRO A 214 -15.75 7.64 -43.80
N ASP A 215 -16.39 8.33 -44.74
CA ASP A 215 -17.51 9.21 -44.40
C ASP A 215 -18.64 8.38 -43.77
N LEU A 216 -19.46 9.06 -42.98
CA LEU A 216 -20.46 8.43 -42.13
C LEU A 216 -21.85 8.93 -42.51
N SER A 217 -22.78 8.01 -42.71
CA SER A 217 -24.17 8.33 -42.99
C SER A 217 -24.83 8.93 -41.74
N VAL A 218 -25.30 10.17 -41.88
CA VAL A 218 -25.93 10.87 -40.77
C VAL A 218 -27.42 11.09 -40.98
N SER A 219 -27.97 10.55 -42.08
CA SER A 219 -29.42 10.48 -42.28
C SER A 219 -29.87 9.12 -42.82
N ARG A 220 -31.18 8.87 -42.73
CA ARG A 220 -31.79 7.66 -43.31
C ARG A 220 -33.11 8.02 -43.96
N ALA A 221 -33.52 7.23 -44.96
CA ALA A 221 -34.86 7.39 -45.53
C ALA A 221 -35.88 7.22 -44.41
N ARG A 222 -36.93 8.05 -44.42
CA ARG A 222 -37.86 8.13 -43.30
C ARG A 222 -38.67 6.85 -43.05
N ALA A 223 -39.04 6.18 -44.14
CA ALA A 223 -39.74 4.91 -44.06
C ALA A 223 -38.98 3.90 -43.22
N THR A 224 -37.67 3.80 -43.43
CA THR A 224 -36.84 2.82 -42.72
C THR A 224 -36.90 2.99 -41.20
N LEU A 225 -37.02 4.23 -40.74
CA LEU A 225 -37.11 4.52 -39.30
C LEU A 225 -38.56 4.54 -38.77
N HIS A 226 -39.50 3.96 -39.52
CA HIS A 226 -40.93 4.06 -39.18
C HIS A 226 -41.30 5.45 -38.67
N ASN A 227 -40.70 6.46 -39.30
CA ASN A 227 -40.92 7.86 -38.96
C ASN A 227 -40.77 8.21 -37.48
N TRP A 228 -39.87 7.49 -36.81
CA TRP A 228 -39.63 7.68 -35.39
C TRP A 228 -38.23 8.21 -35.16
N ALA A 229 -38.07 9.50 -35.40
CA ALA A 229 -36.76 10.16 -35.48
C ALA A 229 -36.94 11.67 -35.71
N ILE A 230 -35.84 12.42 -35.67
CA ILE A 230 -35.87 13.87 -35.86
C ILE A 230 -35.69 14.22 -37.34
N PRO A 231 -36.61 14.99 -37.93
CA PRO A 231 -36.44 15.23 -39.38
C PRO A 231 -35.20 16.04 -39.66
N VAL A 232 -34.52 15.71 -40.75
CA VAL A 232 -33.40 16.53 -41.22
C VAL A 232 -33.94 17.91 -41.56
N PRO A 233 -33.35 18.97 -40.98
CA PRO A 233 -33.69 20.35 -41.35
C PRO A 233 -33.66 20.55 -42.84
N GLY A 234 -34.75 21.09 -43.38
CA GLY A 234 -34.86 21.34 -44.81
C GLY A 234 -35.08 20.13 -45.71
N ASN A 235 -35.21 18.93 -45.14
CA ASN A 235 -35.49 17.75 -45.94
C ASN A 235 -36.32 16.73 -45.18
N PRO A 236 -37.64 16.91 -45.20
CA PRO A 236 -38.50 16.02 -44.42
C PRO A 236 -38.62 14.59 -44.95
N ASP A 237 -37.91 14.21 -46.01
CA ASP A 237 -37.85 12.80 -46.41
C ASP A 237 -36.74 12.02 -45.68
N HIS A 238 -35.91 12.75 -44.95
CA HIS A 238 -34.81 12.16 -44.20
C HIS A 238 -34.95 12.36 -42.71
N CAS A 239 -34.45 11.40 -41.93
CA CAS A 239 -34.35 11.52 -40.48
CB CAS A 239 -34.94 10.31 -39.77
C CAS A 239 -32.90 11.57 -40.08
O CAS A 239 -32.05 10.98 -40.74
SG CAS A 239 -36.57 9.90 -40.28
AS CAS A 239 -37.93 11.54 -39.69
CE1 CAS A 239 -37.43 12.70 -38.20
CE2 CAS A 239 -39.67 11.88 -40.63
N VAL A 240 -32.60 12.26 -38.99
CA VAL A 240 -31.23 12.37 -38.50
C VAL A 240 -30.84 11.04 -37.85
N TYR A 241 -29.67 10.53 -38.25
CA TYR A 241 -29.09 9.34 -37.64
C TYR A 241 -29.31 9.33 -36.13
N VAL A 242 -29.78 8.21 -35.59
CA VAL A 242 -30.07 8.11 -34.16
C VAL A 242 -28.85 8.47 -33.31
N TRP A 243 -27.66 8.13 -33.79
CA TRP A 243 -26.44 8.39 -33.03
C TRP A 243 -26.00 9.82 -33.02
N LEU A 244 -26.27 10.56 -34.10
CA LEU A 244 -25.95 11.98 -34.09
C LEU A 244 -26.92 12.67 -33.12
N ASP A 245 -28.21 12.39 -33.28
CA ASP A 245 -29.25 12.75 -32.32
C ASP A 245 -28.82 12.42 -30.87
N ALA A 246 -28.49 11.15 -30.64
CA ALA A 246 -28.14 10.66 -29.30
C ALA A 246 -26.92 11.38 -28.68
N LEU A 247 -25.85 11.53 -29.46
CA LEU A 247 -24.64 12.16 -28.91
C LEU A 247 -24.91 13.61 -28.51
N THR A 248 -25.78 14.26 -29.29
CA THR A 248 -26.14 15.64 -29.03
C THR A 248 -26.76 15.81 -27.63
N ASN A 249 -27.20 14.72 -26.99
CA ASN A 249 -27.81 14.83 -25.65
C ASN A 249 -26.85 15.51 -24.68
N TYR A 250 -25.57 15.27 -24.85
CA TYR A 250 -24.58 15.85 -23.95
C TYR A 250 -24.58 17.38 -24.09
N LEU A 251 -24.71 17.87 -25.32
CA LEU A 251 -24.80 19.30 -25.58
C LEU A 251 -26.12 19.87 -25.01
N THR A 252 -27.22 19.20 -25.29
CA THR A 252 -28.52 19.65 -24.77
C THR A 252 -28.47 19.79 -23.25
N GLY A 253 -28.01 18.73 -22.59
CA GLY A 253 -27.89 18.70 -21.15
C GLY A 253 -27.07 19.85 -20.62
N SER A 254 -26.05 20.25 -21.37
CA SER A 254 -25.18 21.33 -20.92
C SER A 254 -25.87 22.68 -20.99
N ARG A 255 -27.06 22.73 -21.62
CA ARG A 255 -27.76 23.98 -21.90
C ARG A 255 -29.16 24.06 -21.29
N LEU A 256 -29.50 23.10 -20.43
CA LEU A 256 -30.80 23.10 -19.78
C LEU A 256 -30.71 23.65 -18.36
N ARG A 257 -31.50 24.66 -18.07
CA ARG A 257 -31.74 25.08 -16.68
C ARG A 257 -32.78 24.16 -16.06
N VAL A 258 -32.45 23.59 -14.90
CA VAL A 258 -33.28 22.61 -14.22
C VAL A 258 -33.72 23.19 -12.87
N ASP A 259 -35.02 23.09 -12.55
CA ASP A 259 -35.52 23.48 -11.21
C ASP A 259 -35.16 22.42 -10.16
N GLU A 260 -35.54 22.67 -8.91
CA GLU A 260 -35.21 21.76 -7.80
C GLU A 260 -36.00 20.43 -7.85
N SER A 261 -37.14 20.44 -8.54
CA SER A 261 -37.93 19.22 -8.78
C SER A 261 -37.27 18.23 -9.74
N GLY A 262 -36.34 18.72 -10.57
CA GLY A 262 -35.63 17.88 -11.55
C GLY A 262 -36.15 18.05 -12.96
N LYS A 263 -37.17 18.89 -13.14
CA LYS A 263 -37.75 19.14 -14.46
C LYS A 263 -37.02 20.29 -15.15
N GLU A 264 -36.83 20.14 -16.46
CA GLU A 264 -36.19 21.15 -17.30
C GLU A 264 -37.13 22.33 -17.50
N VAL A 265 -36.62 23.55 -17.34
CA VAL A 265 -37.46 24.74 -17.47
C VAL A 265 -37.06 25.70 -18.59
N SER A 266 -35.85 25.54 -19.15
CA SER A 266 -35.34 26.54 -20.09
C SER A 266 -34.08 26.04 -20.79
N LEU A 267 -33.98 26.33 -22.08
CA LEU A 267 -32.82 25.97 -22.89
C LEU A 267 -32.10 27.25 -23.30
N VAL A 268 -30.89 27.45 -22.78
CA VAL A 268 -30.07 28.63 -23.11
C VAL A 268 -29.47 28.52 -24.50
N ASP A 269 -29.13 29.67 -25.08
CA ASP A 269 -28.67 29.75 -26.48
C ASP A 269 -27.25 29.27 -26.69
N ASP A 270 -26.41 29.53 -25.69
CA ASP A 270 -24.97 29.39 -25.78
C ASP A 270 -24.55 28.60 -24.53
N PHE A 271 -23.84 27.49 -24.72
CA PHE A 271 -23.43 26.61 -23.60
C PHE A 271 -22.61 27.33 -22.50
N ASN A 272 -21.82 28.35 -22.86
CA ASN A 272 -21.05 29.10 -21.86
C ASN A 272 -21.91 29.66 -20.74
N GLU A 273 -23.19 29.87 -21.02
CA GLU A 273 -24.10 30.44 -20.01
C GLU A 273 -24.14 29.56 -18.76
N LEU A 274 -24.16 28.25 -18.93
CA LEU A 274 -24.22 27.32 -17.78
C LEU A 274 -22.86 26.75 -17.36
N GLU A 275 -21.81 26.94 -18.16
CA GLU A 275 -20.44 26.56 -17.79
C GLU A 275 -20.25 25.04 -17.55
N ARG A 276 -20.99 24.21 -18.29
CA ARG A 276 -20.87 22.76 -18.19
C ARG A 276 -20.08 22.16 -19.34
N PHE A 277 -20.40 22.59 -20.56
CA PHE A 277 -19.81 21.98 -21.75
C PHE A 277 -18.36 22.43 -21.92
N PRO A 278 -17.47 21.51 -22.29
CA PRO A 278 -17.69 20.09 -22.62
C PRO A 278 -17.56 19.18 -21.39
N ALA A 279 -18.04 17.95 -21.55
CA ALA A 279 -17.92 16.96 -20.49
C ALA A 279 -16.49 16.83 -20.05
N ASP A 280 -16.33 16.79 -18.74
CA ASP A 280 -15.05 16.49 -18.12
C ASP A 280 -14.83 15.01 -18.15
N VAL A 281 -15.91 14.23 -18.02
CA VAL A 281 -15.86 12.77 -18.19
C VAL A 281 -17.15 12.25 -18.80
N HIS A 282 -17.05 11.54 -19.92
CA HIS A 282 -18.14 10.75 -20.44
C HIS A 282 -17.88 9.35 -19.98
N VAL A 283 -18.74 8.80 -19.11
CA VAL A 283 -18.65 7.38 -18.74
C VAL A 283 -19.37 6.59 -19.83
N ILE A 284 -18.70 5.61 -20.41
CA ILE A 284 -19.35 4.72 -21.40
C ILE A 284 -18.92 3.30 -21.23
N GLY A 285 -19.64 2.38 -21.87
CA GLY A 285 -19.21 0.99 -21.95
C GLY A 285 -18.41 0.81 -23.24
N LYS A 286 -17.53 -0.19 -23.26
CA LYS A 286 -16.64 -0.42 -24.42
C LYS A 286 -17.39 -0.64 -25.73
N ASP A 287 -18.65 -1.07 -25.65
CA ASP A 287 -19.47 -1.34 -26.83
C ASP A 287 -19.79 -0.10 -27.69
N ILE A 288 -19.66 1.10 -27.12
CA ILE A 288 -19.96 2.34 -27.85
C ILE A 288 -18.77 3.31 -27.87
N LEU A 289 -17.57 2.76 -27.76
CA LEU A 289 -16.35 3.55 -27.89
C LEU A 289 -16.24 4.36 -29.19
N LYS A 290 -16.53 3.76 -30.35
CA LYS A 290 -16.30 4.47 -31.62
C LYS A 290 -17.14 5.71 -31.70
N PHE A 291 -18.39 5.60 -31.27
CA PHE A 291 -19.33 6.71 -31.36
C PHE A 291 -18.81 7.91 -30.57
N HIS A 292 -18.25 7.66 -29.38
CA HIS A 292 -17.74 8.72 -28.50
C HIS A 292 -16.31 9.21 -28.73
N ALA A 293 -15.43 8.34 -29.21
CA ALA A 293 -14.00 8.68 -29.36
C ALA A 293 -13.62 9.06 -30.80
N ILE A 294 -14.44 8.66 -31.77
CA ILE A 294 -14.23 9.02 -33.18
C ILE A 294 -15.32 10.00 -33.68
N TYR A 295 -16.58 9.57 -33.75
CA TYR A 295 -17.62 10.41 -34.37
C TYR A 295 -17.82 11.71 -33.60
N TRP A 296 -18.03 11.58 -32.29
CA TRP A 296 -18.37 12.73 -31.47
C TRP A 296 -17.35 13.83 -31.57
N PRO A 297 -16.04 13.53 -31.41
CA PRO A 297 -15.11 14.66 -31.51
C PRO A 297 -15.06 15.23 -32.92
N ALA A 298 -15.34 14.40 -33.93
CA ALA A 298 -15.39 14.88 -35.31
C ALA A 298 -16.50 15.91 -35.47
N PHE A 299 -17.69 15.57 -34.95
CA PHE A 299 -18.82 16.50 -35.01
C PHE A 299 -18.46 17.80 -34.32
N LEU A 300 -17.90 17.70 -33.12
CA LEU A 300 -17.54 18.88 -32.36
C LEU A 300 -16.50 19.72 -33.10
N LEU A 301 -15.49 19.08 -33.68
CA LEU A 301 -14.49 19.81 -34.45
C LEU A 301 -15.17 20.56 -35.60
N SER A 302 -16.06 19.87 -36.31
CA SER A 302 -16.78 20.47 -37.45
C SER A 302 -17.55 21.69 -37.01
N ALA A 303 -18.34 21.52 -35.96
CA ALA A 303 -19.19 22.58 -35.45
C ALA A 303 -18.43 23.68 -34.70
N GLY A 304 -17.14 23.49 -34.47
CA GLY A 304 -16.35 24.48 -33.75
C GLY A 304 -16.59 24.49 -32.24
N LEU A 305 -17.00 23.35 -31.68
CA LEU A 305 -17.26 23.20 -30.25
C LEU A 305 -16.10 22.51 -29.55
N PRO A 306 -15.94 22.75 -28.23
CA PRO A 306 -14.80 22.16 -27.52
C PRO A 306 -14.99 20.67 -27.25
N LEU A 307 -13.89 19.94 -27.13
CA LEU A 307 -13.95 18.48 -26.99
C LEU A 307 -14.00 18.06 -25.54
N PRO A 308 -14.57 16.86 -25.27
CA PRO A 308 -14.55 16.37 -23.88
C PRO A 308 -13.14 16.18 -23.37
N LYS A 309 -12.96 16.20 -22.05
CA LYS A 309 -11.64 16.09 -21.47
C LYS A 309 -11.23 14.64 -21.34
N LYS A 310 -12.18 13.78 -20.98
CA LYS A 310 -11.94 12.35 -20.81
C LYS A 310 -13.16 11.55 -21.27
N ILE A 311 -12.88 10.41 -21.91
CA ILE A 311 -13.84 9.34 -22.13
C ILE A 311 -13.32 8.11 -21.37
N VAL A 312 -14.10 7.57 -20.43
CA VAL A 312 -13.71 6.34 -19.75
C VAL A 312 -14.66 5.22 -20.16
N ALA A 313 -14.09 4.12 -20.64
CA ALA A 313 -14.88 2.99 -21.15
C ALA A 313 -14.64 1.76 -20.29
N HIS A 314 -15.72 1.20 -19.73
CA HIS A 314 -15.62 0.03 -18.85
C HIS A 314 -15.95 -1.23 -19.63
N GLY A 315 -15.98 -2.38 -18.96
CA GLY A 315 -16.34 -3.66 -19.60
C GLY A 315 -17.74 -4.17 -19.28
N TRP A 316 -18.02 -5.41 -19.68
CA TRP A 316 -19.33 -6.04 -19.48
C TRP A 316 -19.38 -6.96 -18.30
N TRP A 317 -20.59 -7.22 -17.80
CA TRP A 317 -20.77 -8.12 -16.66
C TRP A 317 -21.27 -9.47 -17.04
N THR A 318 -20.84 -10.45 -16.25
CA THR A 318 -21.35 -11.82 -16.29
C THR A 318 -21.82 -12.15 -14.87
N LYS A 319 -22.73 -13.12 -14.73
CA LYS A 319 -23.09 -13.66 -13.42
C LYS A 319 -22.80 -15.16 -13.41
N ASP A 320 -22.02 -15.61 -12.42
CA ASP A 320 -21.59 -17.01 -12.30
C ASP A 320 -20.82 -17.49 -13.55
N ARG A 321 -19.98 -16.60 -14.09
CA ARG A 321 -19.18 -16.84 -15.31
C ARG A 321 -20.01 -17.19 -16.56
N LYS A 322 -21.28 -16.79 -16.57
CA LYS A 322 -22.17 -17.00 -17.72
C LYS A 322 -22.75 -15.66 -18.16
N LYS A 323 -23.16 -15.57 -19.43
CA LYS A 323 -23.74 -14.34 -19.96
C LYS A 323 -25.05 -14.01 -19.26
N ILE A 324 -25.35 -12.72 -19.12
CA ILE A 324 -26.62 -12.29 -18.52
C ILE A 324 -27.71 -12.20 -19.61
N SER A 325 -28.75 -13.01 -19.44
CA SER A 325 -29.94 -12.97 -20.30
C SER A 325 -31.05 -13.75 -19.60
N LYS A 326 -32.27 -13.24 -19.65
CA LYS A 326 -33.43 -13.89 -19.01
C LYS A 326 -33.82 -15.17 -19.74
N SER A 327 -33.61 -15.18 -21.07
CA SER A 327 -33.92 -16.34 -21.90
C SER A 327 -32.97 -17.53 -21.69
N LEU A 328 -31.72 -17.25 -21.32
CA LEU A 328 -30.73 -18.29 -21.05
C LEU A 328 -30.92 -18.93 -19.67
N GLY A 329 -31.53 -18.18 -18.75
CA GLY A 329 -31.76 -18.66 -17.38
C GLY A 329 -30.67 -18.23 -16.42
N ASN A 330 -30.26 -16.96 -16.50
CA ASN A 330 -29.31 -16.39 -15.55
C ASN A 330 -29.50 -14.87 -15.40
N VAL A 331 -30.32 -14.48 -14.42
CA VAL A 331 -30.67 -13.07 -14.21
C VAL A 331 -29.77 -12.46 -13.15
N PHE A 332 -29.53 -11.16 -13.29
CA PHE A 332 -28.87 -10.38 -12.26
C PHE A 332 -29.61 -9.05 -12.10
N ASP A 333 -30.56 -9.02 -11.17
CA ASP A 333 -31.34 -7.82 -10.92
C ASP A 333 -30.66 -7.03 -9.79
N PRO A 334 -30.28 -5.77 -10.07
CA PRO A 334 -29.62 -4.96 -9.05
C PRO A 334 -30.52 -4.60 -7.87
N VAL A 335 -31.75 -4.20 -8.14
CA VAL A 335 -32.68 -3.85 -7.06
C VAL A 335 -32.91 -5.07 -6.16
N GLU A 336 -33.03 -6.25 -6.78
CA GLU A 336 -33.24 -7.49 -6.04
C GLU A 336 -32.05 -7.80 -5.13
N LYS A 337 -30.83 -7.68 -5.66
CA LYS A 337 -29.62 -7.97 -4.87
C LYS A 337 -29.33 -6.90 -3.82
N ALA A 338 -29.77 -5.68 -4.08
CA ALA A 338 -29.58 -4.57 -3.15
C ALA A 338 -30.50 -4.73 -1.94
N GLU A 339 -31.74 -5.16 -2.17
CA GLU A 339 -32.66 -5.46 -1.09
C GLU A 339 -32.10 -6.60 -0.25
N GLU A 340 -31.51 -7.59 -0.91
CA GLU A 340 -30.94 -8.74 -0.20
C GLU A 340 -29.70 -8.37 0.61
N PHE A 341 -28.72 -7.74 -0.04
CA PHE A 341 -27.40 -7.53 0.57
C PHE A 341 -27.15 -6.10 1.03
N GLY A 342 -27.94 -5.14 0.56
CA GLY A 342 -27.69 -3.73 0.85
C GLY A 342 -27.34 -2.93 -0.39
N TYR A 343 -27.89 -1.73 -0.50
CA TYR A 343 -27.58 -0.81 -1.60
C TYR A 343 -26.11 -0.35 -1.65
N ASP A 344 -25.58 0.24 -0.59
CA ASP A 344 -24.16 0.63 -0.61
C ASP A 344 -23.22 -0.56 -0.83
N ALA A 345 -23.57 -1.71 -0.25
CA ALA A 345 -22.74 -2.91 -0.34
C ALA A 345 -22.67 -3.43 -1.78
N LEU A 346 -23.82 -3.44 -2.44
CA LEU A 346 -23.89 -3.84 -3.85
C LEU A 346 -23.09 -2.89 -4.74
N LYS A 347 -23.18 -1.60 -4.44
CA LYS A 347 -22.44 -0.60 -5.16
C LYS A 347 -20.96 -0.80 -4.94
N TYR A 348 -20.58 -0.96 -3.67
CA TYR A 348 -19.18 -1.26 -3.33
C TYR A 348 -18.69 -2.44 -4.15
N PHE A 349 -19.44 -3.54 -4.08
CA PHE A 349 -19.03 -4.73 -4.81
C PHE A 349 -18.86 -4.48 -6.31
N LEU A 350 -19.79 -3.78 -6.96
CA LEU A 350 -19.67 -3.56 -8.40
C LEU A 350 -18.43 -2.71 -8.75
N LEU A 351 -18.08 -1.77 -7.87
CA LEU A 351 -16.98 -0.87 -8.13
C LEU A 351 -15.63 -1.43 -7.66
N ARG A 352 -15.67 -2.42 -6.77
CA ARG A 352 -14.48 -3.04 -6.22
C ARG A 352 -14.07 -4.31 -6.98
N GLU A 353 -15.05 -5.12 -7.38
CA GLU A 353 -14.74 -6.43 -7.92
C GLU A 353 -14.02 -6.34 -9.27
N SER A 354 -14.42 -5.37 -10.09
CA SER A 354 -13.83 -5.21 -11.41
C SER A 354 -13.30 -3.82 -11.70
N GLY A 355 -12.22 -3.78 -12.46
CA GLY A 355 -11.67 -2.55 -12.96
C GLY A 355 -12.18 -2.34 -14.37
N PHE A 356 -12.10 -1.09 -14.82
CA PHE A 356 -12.64 -0.71 -16.12
C PHE A 356 -12.04 -1.52 -17.28
N SER A 357 -10.81 -1.99 -17.13
CA SER A 357 -10.19 -2.84 -18.15
C SER A 357 -10.77 -4.26 -18.22
N ASP A 358 -11.50 -4.67 -17.20
CA ASP A 358 -11.94 -6.07 -17.07
C ASP A 358 -13.42 -6.25 -17.36
N ASP A 359 -13.79 -7.48 -17.69
CA ASP A 359 -15.19 -7.91 -17.69
C ASP A 359 -15.43 -8.60 -16.36
N GLY A 360 -16.05 -7.89 -15.43
CA GLY A 360 -16.26 -8.38 -14.06
C GLY A 360 -17.16 -9.60 -13.92
N ASP A 361 -17.18 -10.18 -12.71
CA ASP A 361 -18.02 -11.35 -12.41
C ASP A 361 -18.66 -11.35 -11.01
N TYR A 362 -19.98 -11.21 -10.99
CA TYR A 362 -20.78 -11.37 -9.78
C TYR A 362 -21.06 -12.84 -9.47
N SER A 363 -20.80 -13.24 -8.23
CA SER A 363 -21.34 -14.47 -7.66
C SER A 363 -21.80 -14.15 -6.24
N ASP A 364 -22.85 -14.83 -5.77
CA ASP A 364 -23.31 -14.62 -4.40
C ASP A 364 -22.19 -14.95 -3.42
N LYS A 365 -21.36 -15.93 -3.79
CA LYS A 365 -20.20 -16.34 -2.99
C LYS A 365 -19.22 -15.20 -2.82
N ASN A 366 -18.81 -14.62 -3.94
CA ASN A 366 -17.80 -13.59 -3.92
C ASN A 366 -18.36 -12.27 -3.33
N MET A 367 -19.63 -12.01 -3.59
CA MET A 367 -20.33 -10.88 -2.98
C MET A 367 -20.31 -10.99 -1.45
N ILE A 368 -20.67 -12.15 -0.93
CA ILE A 368 -20.67 -12.38 0.51
C ILE A 368 -19.24 -12.29 1.08
N ALA A 369 -18.27 -12.84 0.35
CA ALA A 369 -16.85 -12.75 0.73
C ALA A 369 -16.43 -11.31 0.98
N ARG A 370 -16.75 -10.41 0.06
CA ARG A 370 -16.37 -8.99 0.19
C ARG A 370 -17.16 -8.27 1.27
N LEU A 371 -18.46 -8.50 1.32
CA LEU A 371 -19.31 -7.89 2.32
C LEU A 371 -18.74 -8.23 3.71
N ASN A 372 -18.58 -9.53 3.98
CA ASN A 372 -18.01 -10.01 5.23
C ASN A 372 -16.57 -9.56 5.47
N GLY A 373 -15.72 -9.75 4.46
CA GLY A 373 -14.29 -9.53 4.58
C GLY A 373 -13.92 -8.08 4.71
N GLU A 374 -14.38 -7.26 3.77
CA GLU A 374 -13.97 -5.86 3.71
C GLU A 374 -14.94 -4.92 4.43
N LEU A 375 -16.22 -4.99 4.12
CA LEU A 375 -17.17 -4.06 4.74
C LEU A 375 -17.40 -4.36 6.24
N ALA A 376 -17.60 -5.63 6.57
CA ALA A 376 -17.88 -6.01 7.95
C ALA A 376 -16.60 -6.09 8.79
N ASP A 377 -15.66 -6.96 8.39
CA ASP A 377 -14.47 -7.26 9.20
C ASP A 377 -13.41 -6.17 9.16
N THR A 378 -13.28 -5.44 8.05
CA THR A 378 -12.29 -4.38 7.97
C THR A 378 -12.88 -3.05 8.41
N LEU A 379 -13.87 -2.54 7.68
CA LEU A 379 -14.45 -1.23 7.98
C LEU A 379 -15.36 -1.27 9.22
N GLY A 380 -16.43 -2.04 9.17
CA GLY A 380 -17.39 -2.05 10.25
C GLY A 380 -16.79 -2.39 11.60
N ASN A 381 -15.91 -3.38 11.62
CA ASN A 381 -15.24 -3.78 12.86
C ASN A 381 -14.50 -2.60 13.50
N LEU A 382 -13.75 -1.88 12.67
CA LEU A 382 -12.95 -0.75 13.11
C LEU A 382 -13.83 0.36 13.67
N VAL A 383 -14.94 0.63 13.01
CA VAL A 383 -15.87 1.68 13.45
C VAL A 383 -16.44 1.36 14.82
N MET A 384 -16.78 0.09 15.05
CA MET A 384 -17.38 -0.31 16.33
C MET A 384 -16.36 -0.29 17.47
N ARG A 385 -15.12 -0.65 17.17
CA ARG A 385 -14.06 -0.63 18.19
C ARG A 385 -13.79 0.79 18.70
N CYS A 386 -13.64 1.74 17.79
CA CYS A 386 -13.29 3.09 18.20
C CYS A 386 -14.48 3.87 18.73
N THR A 387 -15.70 3.32 18.62
CA THR A 387 -16.92 3.95 19.19
C THR A 387 -17.49 3.17 20.38
N SER A 388 -16.95 2.00 20.65
CA SER A 388 -17.36 1.14 21.77
C SER A 388 -17.27 1.84 23.14
N ALA A 389 -18.27 1.62 23.99
CA ALA A 389 -18.23 2.11 25.38
C ALA A 389 -17.08 1.47 26.20
N LYS A 390 -16.70 0.26 25.81
CA LYS A 390 -15.57 -0.44 26.41
C LYS A 390 -14.26 0.33 26.22
N ILE A 391 -13.95 0.68 24.98
CA ILE A 391 -12.66 1.32 24.65
C ILE A 391 -12.73 2.84 24.86
N ASN A 392 -13.78 3.44 24.31
CA ASN A 392 -13.94 4.89 24.31
C ASN A 392 -14.91 5.25 25.44
N VAL A 393 -14.42 5.13 26.67
CA VAL A 393 -15.26 5.21 27.87
C VAL A 393 -16.05 6.51 28.02
N ASN A 394 -15.53 7.60 27.48
CA ASN A 394 -16.19 8.91 27.58
C ASN A 394 -17.03 9.29 26.35
N GLY A 395 -17.09 8.43 25.35
CA GLY A 395 -17.79 8.75 24.11
C GLY A 395 -17.39 10.10 23.54
N GLU A 396 -16.08 10.36 23.47
CA GLU A 396 -15.55 11.60 22.91
C GLU A 396 -14.29 11.34 22.10
N TRP A 397 -13.82 12.37 21.41
CA TRP A 397 -12.56 12.32 20.70
C TRP A 397 -11.51 12.73 21.70
N PRO A 398 -10.62 11.81 22.08
CA PRO A 398 -9.64 12.18 23.07
C PRO A 398 -8.57 13.08 22.50
N SER A 399 -7.84 13.72 23.40
CA SER A 399 -6.71 14.54 23.06
C SER A 399 -5.46 13.65 23.02
N PRO A 400 -4.78 13.57 21.86
CA PRO A 400 -3.63 12.68 21.79
C PRO A 400 -2.47 13.15 22.66
N ALA A 401 -1.76 12.20 23.26
CA ALA A 401 -0.46 12.45 23.91
C ALA A 401 0.67 12.28 22.87
N ALA A 402 1.92 12.17 23.33
CA ALA A 402 3.07 12.05 22.41
C ALA A 402 2.92 10.85 21.45
N TYR A 403 3.32 11.06 20.20
CA TYR A 403 3.25 10.00 19.19
C TYR A 403 4.57 9.21 19.12
N THR A 404 4.44 7.89 19.20
CA THR A 404 5.57 6.99 18.96
C THR A 404 5.84 6.89 17.45
N GLU A 405 6.93 6.24 17.07
CA GLU A 405 7.26 6.07 15.65
C GLU A 405 6.24 5.21 14.91
N GLU A 406 5.80 4.13 15.54
CA GLU A 406 4.72 3.30 15.00
C GLU A 406 3.44 4.15 14.82
N ASP A 407 3.15 5.00 15.79
CA ASP A 407 2.04 5.94 15.67
C ASP A 407 2.15 6.77 14.41
N GLU A 408 3.34 7.31 14.17
CA GLU A 408 3.55 8.21 13.06
C GLU A 408 3.56 7.51 11.70
N SER A 409 3.99 6.26 11.64
CA SER A 409 3.93 5.51 10.38
C SER A 409 2.47 5.42 9.91
N LEU A 410 1.56 5.19 10.85
CA LEU A 410 0.15 5.11 10.51
C LEU A 410 -0.38 6.50 10.11
N ILE A 411 -0.06 7.53 10.89
CA ILE A 411 -0.45 8.89 10.56
C ILE A 411 0.01 9.27 9.15
N GLN A 412 1.23 8.87 8.78
CA GLN A 412 1.72 9.21 7.47
C GLN A 412 0.79 8.64 6.42
N LEU A 413 0.42 7.37 6.58
CA LEU A 413 -0.47 6.70 5.62
C LEU A 413 -1.81 7.44 5.51
N ILE A 414 -2.33 7.88 6.65
CA ILE A 414 -3.60 8.60 6.65
C ILE A 414 -3.46 9.98 5.98
N LYS A 415 -2.33 10.66 6.20
CA LYS A 415 -2.10 11.97 5.56
C LYS A 415 -1.87 11.84 4.06
N ASP A 416 -1.25 10.73 3.65
CA ASP A 416 -0.99 10.49 2.25
C ASP A 416 -2.23 10.04 1.47
N LEU A 417 -3.18 9.40 2.15
CA LEU A 417 -4.32 8.81 1.48
C LEU A 417 -5.12 9.75 0.54
N PRO A 418 -5.45 10.97 0.97
CA PRO A 418 -6.32 11.76 0.11
C PRO A 418 -5.70 12.11 -1.23
N GLY A 419 -4.43 12.47 -1.23
CA GLY A 419 -3.73 12.76 -2.48
C GLY A 419 -3.74 11.57 -3.42
N THR A 420 -3.58 10.38 -2.84
CA THR A 420 -3.51 9.17 -3.63
C THR A 420 -4.87 8.79 -4.19
N ALA A 421 -5.90 8.80 -3.32
CA ALA A 421 -7.29 8.57 -3.71
C ALA A 421 -7.78 9.60 -4.75
N ASP A 422 -7.39 10.86 -4.56
CA ASP A 422 -7.73 11.93 -5.51
C ASP A 422 -7.22 11.61 -6.91
N HIS A 423 -5.97 11.17 -7.00
CA HIS A 423 -5.44 10.86 -8.30
C HIS A 423 -6.20 9.73 -8.97
N TYR A 424 -6.48 8.68 -8.20
CA TYR A 424 -7.21 7.55 -8.75
C TYR A 424 -8.62 7.96 -9.19
N TYR A 425 -9.32 8.76 -8.39
CA TYR A 425 -10.65 9.22 -8.76
C TYR A 425 -10.64 10.09 -10.00
N LEU A 426 -9.50 10.72 -10.28
CA LEU A 426 -9.41 11.63 -11.42
C LEU A 426 -9.02 10.97 -12.73
N ILE A 427 -8.52 9.73 -12.69
CA ILE A 427 -8.12 9.06 -13.93
C ILE A 427 -9.26 8.92 -14.95
N PRO A 428 -10.42 8.41 -14.52
CA PRO A 428 -10.80 7.86 -13.24
C PRO A 428 -10.64 6.34 -13.18
N ASP A 429 -10.23 5.87 -12.01
CA ASP A 429 -10.08 4.46 -11.74
C ASP A 429 -10.61 4.27 -10.33
N ILE A 430 -11.93 4.09 -10.24
CA ILE A 430 -12.60 3.96 -8.95
C ILE A 430 -12.10 2.73 -8.17
N GLN A 431 -11.85 1.62 -8.88
CA GLN A 431 -11.35 0.40 -8.22
C GLN A 431 -10.09 0.69 -7.41
N LYS A 432 -9.11 1.36 -8.05
CA LYS A 432 -7.84 1.64 -7.38
C LYS A 432 -8.01 2.63 -6.22
N ALA A 433 -9.01 3.51 -6.32
CA ALA A 433 -9.30 4.44 -5.23
C ALA A 433 -9.76 3.67 -4.00
N ILE A 434 -10.68 2.73 -4.20
CA ILE A 434 -11.20 1.90 -3.12
C ILE A 434 -10.08 1.05 -2.52
N ILE A 435 -9.30 0.40 -3.36
CA ILE A 435 -8.22 -0.43 -2.86
C ILE A 435 -7.32 0.44 -2.00
N ALA A 436 -6.99 1.64 -2.48
CA ALA A 436 -6.13 2.55 -1.72
C ALA A 436 -6.70 2.83 -0.33
N VAL A 437 -8.00 3.07 -0.25
CA VAL A 437 -8.60 3.43 1.04
C VAL A 437 -8.56 2.21 1.97
N PHE A 438 -8.86 1.04 1.45
CA PHE A 438 -8.88 -0.16 2.29
C PHE A 438 -7.47 -0.64 2.67
N ASP A 439 -6.46 -0.28 1.87
CA ASP A 439 -5.08 -0.56 2.26
C ASP A 439 -4.82 0.17 3.58
N VAL A 440 -5.34 1.39 3.70
CA VAL A 440 -5.16 2.21 4.90
C VAL A 440 -6.01 1.70 6.05
N LEU A 441 -7.24 1.24 5.77
CA LEU A 441 -8.08 0.62 6.79
C LEU A 441 -7.45 -0.67 7.38
N ARG A 442 -6.88 -1.50 6.52
CA ARG A 442 -6.18 -2.69 6.98
C ARG A 442 -5.02 -2.27 7.89
N ALA A 443 -4.28 -1.23 7.52
CA ALA A 443 -3.22 -0.68 8.38
C ALA A 443 -3.71 -0.21 9.75
N ILE A 444 -4.88 0.45 9.80
CA ILE A 444 -5.43 0.89 11.08
C ILE A 444 -5.82 -0.31 11.93
N ASN A 445 -6.37 -1.34 11.30
CA ASN A 445 -6.75 -2.55 12.03
C ASN A 445 -5.55 -3.21 12.67
N ALA A 446 -4.49 -3.39 11.89
CA ALA A 446 -3.27 -4.04 12.38
C ALA A 446 -2.67 -3.21 13.54
N TYR A 447 -2.75 -1.90 13.41
CA TYR A 447 -2.35 -1.02 14.48
C TYR A 447 -3.17 -1.25 15.75
N VAL A 448 -4.49 -1.35 15.62
CA VAL A 448 -5.36 -1.51 16.77
C VAL A 448 -5.12 -2.87 17.44
N THR A 449 -5.00 -3.93 16.65
CA THR A 449 -4.56 -5.22 17.18
C THR A 449 -3.23 -5.14 17.95
N ASP A 450 -2.27 -4.42 17.37
CA ASP A 450 -0.94 -4.26 17.94
C ASP A 450 -1.01 -3.53 19.27
N MET A 451 -1.73 -2.41 19.30
CA MET A 451 -1.83 -1.59 20.52
C MET A 451 -2.81 -2.13 21.56
N ALA A 452 -3.71 -3.01 21.16
CA ALA A 452 -4.67 -3.64 22.10
C ALA A 452 -5.31 -2.64 23.06
N PRO A 453 -6.05 -1.66 22.52
CA PRO A 453 -6.59 -0.56 23.32
C PRO A 453 -7.56 -0.96 24.42
N TRP A 454 -8.20 -2.12 24.26
CA TRP A 454 -9.01 -2.70 25.32
C TRP A 454 -8.19 -2.91 26.57
N LYS A 455 -6.93 -3.33 26.42
CA LYS A 455 -6.05 -3.52 27.57
C LYS A 455 -5.62 -2.18 28.17
N LEU A 456 -5.50 -1.16 27.31
CA LEU A 456 -4.96 0.14 27.73
C LEU A 456 -5.90 0.94 28.62
N VAL A 457 -7.20 0.70 28.49
CA VAL A 457 -8.23 1.37 29.32
C VAL A 457 -7.87 1.32 30.79
N LYS A 458 -7.33 0.17 31.23
CA LYS A 458 -6.89 -0.02 32.62
C LYS A 458 -5.40 0.27 32.83
N THR A 459 -4.58 -0.13 31.87
CA THR A 459 -3.13 -0.12 32.04
C THR A 459 -2.47 1.24 31.81
N ASP A 460 -2.91 1.95 30.76
CA ASP A 460 -2.27 3.20 30.37
C ASP A 460 -3.30 4.10 29.69
N PRO A 461 -4.14 4.78 30.49
CA PRO A 461 -5.18 5.61 29.90
C PRO A 461 -4.61 6.74 29.04
N GLU A 462 -3.42 7.25 29.37
CA GLU A 462 -2.79 8.28 28.55
C GLU A 462 -2.43 7.71 27.17
N ARG A 463 -1.85 6.51 27.14
CA ARG A 463 -1.54 5.85 25.88
C ARG A 463 -2.80 5.61 25.05
N LEU A 464 -3.88 5.15 25.71
CA LEU A 464 -5.16 4.90 25.04
C LEU A 464 -5.68 6.13 24.35
N ARG A 465 -5.50 7.30 24.97
CA ARG A 465 -5.90 8.55 24.34
C ARG A 465 -5.30 8.66 22.94
N THR A 466 -4.00 8.44 22.84
CA THR A 466 -3.28 8.55 21.56
C THR A 466 -3.80 7.54 20.53
N VAL A 467 -3.86 6.27 20.93
CA VAL A 467 -4.29 5.20 20.03
C VAL A 467 -5.72 5.44 19.52
N LEU A 468 -6.61 5.81 20.44
CA LEU A 468 -8.02 6.03 20.13
C LEU A 468 -8.21 7.21 19.19
N TYR A 469 -7.45 8.26 19.41
CA TYR A 469 -7.53 9.43 18.54
C TYR A 469 -7.09 9.14 17.13
N ILE A 470 -5.93 8.49 16.98
CA ILE A 470 -5.45 8.13 15.63
C ILE A 470 -6.49 7.26 14.92
N THR A 471 -7.04 6.28 15.64
CA THR A 471 -8.04 5.38 15.09
C THR A 471 -9.29 6.12 14.62
N LEU A 472 -9.77 7.04 15.46
CA LEU A 472 -10.95 7.84 15.10
C LEU A 472 -10.70 8.64 13.83
N GLU A 473 -9.49 9.15 13.69
CA GLU A 473 -9.20 10.07 12.60
C GLU A 473 -8.92 9.32 11.29
N GLY A 474 -8.20 8.21 11.36
CA GLY A 474 -8.07 7.35 10.20
C GLY A 474 -9.42 6.84 9.68
N VAL A 475 -10.32 6.49 10.60
CA VAL A 475 -11.66 6.06 10.21
C VAL A 475 -12.47 7.21 9.57
N ARG A 476 -12.30 8.43 10.09
CA ARG A 476 -12.98 9.58 9.53
C ARG A 476 -12.51 9.86 8.10
N VAL A 477 -11.20 9.88 7.91
CA VAL A 477 -10.61 10.25 6.64
C VAL A 477 -10.93 9.18 5.59
N THR A 478 -10.74 7.91 5.94
CA THR A 478 -11.06 6.80 5.05
C THR A 478 -12.55 6.81 4.68
N THR A 479 -13.39 7.15 5.65
CA THR A 479 -14.84 7.22 5.40
C THR A 479 -15.17 8.37 4.47
N LEU A 480 -14.59 9.53 4.73
CA LEU A 480 -14.83 10.67 3.85
C LEU A 480 -14.50 10.25 2.43
N LEU A 481 -13.34 9.65 2.23
CA LEU A 481 -12.90 9.29 0.89
C LEU A 481 -13.75 8.18 0.28
N LEU A 482 -14.40 7.37 1.11
CA LEU A 482 -15.32 6.32 0.66
C LEU A 482 -16.75 6.81 0.54
N SER A 483 -17.02 8.08 0.88
CA SER A 483 -18.41 8.52 0.90
C SER A 483 -19.06 8.53 -0.49
N PRO A 484 -18.28 8.72 -1.56
CA PRO A 484 -18.89 8.57 -2.88
C PRO A 484 -19.30 7.13 -3.23
N ILE A 485 -18.62 6.15 -2.63
CA ILE A 485 -18.94 4.74 -2.86
C ILE A 485 -20.04 4.27 -1.92
N LEU A 486 -19.98 4.66 -0.66
CA LEU A 486 -20.94 4.24 0.36
C LEU A 486 -21.62 5.48 0.92
N PRO A 487 -22.48 6.12 0.10
CA PRO A 487 -23.13 7.36 0.51
C PRO A 487 -23.99 7.28 1.76
N ARG A 488 -24.77 6.22 1.90
CA ARG A 488 -25.68 6.12 3.03
C ARG A 488 -24.94 5.69 4.28
N LYS A 489 -24.02 4.76 4.13
CA LYS A 489 -23.25 4.25 5.26
C LYS A 489 -22.24 5.27 5.77
N SER A 490 -21.68 6.08 4.87
CA SER A 490 -20.75 7.11 5.32
C SER A 490 -21.46 8.03 6.32
N VAL A 491 -22.72 8.35 6.04
CA VAL A 491 -23.50 9.19 6.94
C VAL A 491 -23.68 8.54 8.29
N VAL A 492 -23.99 7.24 8.31
CA VAL A 492 -24.09 6.53 9.59
C VAL A 492 -22.77 6.61 10.34
N ILE A 493 -21.67 6.30 9.67
CA ILE A 493 -20.36 6.28 10.33
C ILE A 493 -20.10 7.64 10.96
N PHE A 494 -20.26 8.70 10.17
CA PHE A 494 -20.03 10.04 10.70
C PHE A 494 -20.93 10.37 11.89
N ASP A 495 -22.21 9.97 11.83
CA ASP A 495 -23.12 10.15 12.99
C ASP A 495 -22.59 9.45 14.23
N MET A 496 -22.12 8.20 14.04
CA MET A 496 -21.56 7.42 15.13
C MET A 496 -20.34 8.12 15.72
N LEU A 497 -19.46 8.60 14.85
CA LEU A 497 -18.27 9.32 15.29
C LEU A 497 -18.58 10.75 15.74
N GLY A 498 -19.79 11.23 15.45
CA GLY A 498 -20.19 12.56 15.86
C GLY A 498 -19.47 13.68 15.13
N VAL A 499 -19.03 13.42 13.90
CA VAL A 499 -18.42 14.43 13.06
C VAL A 499 -19.47 15.48 12.70
N PRO A 500 -19.19 16.77 12.99
CA PRO A 500 -20.14 17.82 12.59
C PRO A 500 -20.30 17.88 11.08
N GLU A 501 -21.51 18.22 10.61
CA GLU A 501 -21.81 18.31 9.17
C GLU A 501 -20.76 19.01 8.37
N VAL A 502 -20.30 20.18 8.81
CA VAL A 502 -19.30 20.96 8.09
C VAL A 502 -18.04 20.15 7.75
N HIS A 503 -17.67 19.21 8.60
CA HIS A 503 -16.46 18.42 8.37
C HIS A 503 -16.69 17.21 7.49
N ARG A 504 -17.92 17.03 7.00
CA ARG A 504 -18.22 15.88 6.11
C ARG A 504 -18.02 16.14 4.61
N LYS A 505 -17.44 17.27 4.26
CA LYS A 505 -17.33 17.70 2.87
C LYS A 505 -16.16 18.69 2.81
N GLY A 506 -15.58 18.89 1.63
CA GLY A 506 -14.54 19.90 1.45
C GLY A 506 -13.11 19.42 1.64
N ILE A 507 -12.18 19.96 0.83
CA ILE A 507 -10.78 19.49 0.83
C ILE A 507 -10.05 19.88 2.11
N GLU A 508 -10.59 20.88 2.81
CA GLU A 508 -10.12 21.24 4.14
C GLU A 508 -10.15 20.00 5.03
N ASN A 509 -11.22 19.23 4.91
CA ASN A 509 -11.41 18.08 5.79
C ASN A 509 -10.73 16.79 5.31
N PHE A 510 -9.95 16.90 4.25
CA PHE A 510 -9.01 15.84 3.85
C PHE A 510 -7.78 15.83 4.77
N GLU A 511 -7.56 16.91 5.51
CA GLU A 511 -6.42 17.04 6.41
C GLU A 511 -6.58 16.25 7.70
N PHE A 512 -5.49 15.60 8.11
CA PHE A 512 -5.42 14.89 9.38
C PHE A 512 -5.59 15.92 10.45
N GLY A 513 -6.62 15.77 11.28
CA GLY A 513 -6.81 16.62 12.47
C GLY A 513 -7.94 17.63 12.42
N ALA A 514 -8.78 17.54 11.39
CA ALA A 514 -9.78 18.56 11.15
C ALA A 514 -10.89 18.54 12.20
N VAL A 515 -11.13 17.39 12.82
CA VAL A 515 -12.14 17.29 13.88
C VAL A 515 -11.42 17.37 15.21
N PRO A 516 -11.80 18.34 16.03
CA PRO A 516 -11.05 18.64 17.25
C PRO A 516 -11.29 17.66 18.39
N PRO A 517 -10.26 17.43 19.22
CA PRO A 517 -10.49 16.64 20.42
C PRO A 517 -11.58 17.26 21.28
N GLY A 518 -12.33 16.42 21.98
CA GLY A 518 -13.46 16.90 22.77
C GLY A 518 -14.79 16.77 22.03
N THR A 519 -14.74 16.66 20.72
CA THR A 519 -15.93 16.36 19.91
C THR A 519 -16.62 15.14 20.50
N ARG A 520 -17.94 15.20 20.62
CA ARG A 520 -18.68 14.12 21.26
C ARG A 520 -19.14 13.13 20.21
N LEU A 521 -19.07 11.83 20.54
CA LEU A 521 -19.58 10.79 19.66
C LEU A 521 -21.09 10.87 19.71
N GLY A 522 -21.74 10.37 18.66
CA GLY A 522 -23.19 10.22 18.65
C GLY A 522 -23.56 8.99 19.45
N PRO A 523 -24.84 8.89 19.87
CA PRO A 523 -25.24 7.83 20.80
C PRO A 523 -25.26 6.45 20.16
N ALA A 524 -25.04 5.42 20.97
CA ALA A 524 -25.10 4.02 20.53
C ALA A 524 -26.55 3.53 20.51
N VAL A 525 -26.80 2.46 19.76
CA VAL A 525 -28.09 1.76 19.75
C VAL A 525 -27.88 0.31 20.23
N GLU A 526 -28.87 -0.24 20.93
CA GLU A 526 -28.76 -1.57 21.57
C GLU A 526 -28.38 -2.70 20.59
N GLY A 527 -28.98 -2.71 19.41
CA GLY A 527 -28.76 -3.76 18.43
C GLY A 527 -27.77 -3.44 17.33
N GLU A 528 -27.66 -2.16 16.97
CA GLU A 528 -27.04 -1.73 15.70
C GLU A 528 -25.67 -2.34 15.33
N VAL A 529 -25.54 -2.67 14.05
CA VAL A 529 -24.25 -2.92 13.42
C VAL A 529 -24.30 -2.26 12.04
N LEU A 530 -23.14 -1.90 11.51
CA LEU A 530 -23.04 -1.21 10.21
C LEU A 530 -23.35 -2.14 9.04
N PHE A 531 -22.53 -3.16 8.90
CA PHE A 531 -22.76 -4.22 7.92
C PHE A 531 -22.90 -5.53 8.67
N SER A 532 -24.02 -6.22 8.48
CA SER A 532 -24.24 -7.51 9.13
C SER A 532 -23.68 -8.62 8.25
N LYS A 533 -22.85 -9.48 8.84
CA LYS A 533 -22.30 -10.64 8.13
C LYS A 533 -23.42 -11.53 7.62
N ARG A 534 -23.24 -12.15 6.46
CA ARG A 534 -24.22 -13.05 5.85
CA ARG A 534 -24.22 -13.07 5.88
C ARG A 534 -23.63 -14.46 5.70
N SER A 535 -24.43 -15.48 5.98
CA SER A 535 -23.96 -16.87 5.95
C SER A 535 -23.66 -17.38 4.52
N THR A 536 -22.77 -18.36 4.42
CA THR A 536 -22.35 -18.94 3.14
C THR A 536 -23.05 -20.30 2.88
N GLU A 537 -24.33 -20.25 2.50
CA GLU A 537 -25.11 -21.46 2.22
C GLU A 537 -24.49 -22.28 1.09
N GLY B 1 4.44 12.47 2.17
CA GLY B 1 5.08 13.58 2.91
C GLY B 1 6.53 13.29 3.27
N PRO B 2 7.23 14.29 3.86
CA PRO B 2 8.63 14.10 4.24
C PRO B 2 8.78 13.11 5.37
N GLY B 3 9.93 12.47 5.43
CA GLY B 3 10.27 11.62 6.57
C GLY B 3 10.95 12.44 7.64
N SER B 4 11.55 11.75 8.61
CA SER B 4 12.24 12.44 9.69
C SER B 4 13.56 12.98 9.14
N MET B 5 13.97 14.13 9.66
CA MET B 5 15.26 14.69 9.27
C MET B 5 16.38 13.84 9.86
N LYS B 6 17.60 14.11 9.42
CA LYS B 6 18.77 13.41 9.94
C LYS B 6 18.92 13.71 11.43
N VAL B 7 19.37 12.71 12.17
CA VAL B 7 19.81 12.93 13.54
C VAL B 7 21.06 13.80 13.50
N GLU B 8 21.25 14.56 14.57
CA GLU B 8 22.43 15.41 14.70
C GLU B 8 23.63 14.60 15.25
N LYS B 9 23.37 13.66 16.15
CA LYS B 9 24.41 12.85 16.75
C LYS B 9 24.89 11.80 15.77
N VAL B 10 25.73 10.89 16.25
CA VAL B 10 26.12 9.73 15.47
C VAL B 10 25.17 8.61 15.81
N PHE B 11 24.50 8.09 14.78
CA PHE B 11 23.48 7.10 14.96
C PHE B 11 24.18 5.81 15.36
N PHE B 12 23.77 5.29 16.52
CA PHE B 12 24.49 4.24 17.21
C PHE B 12 23.55 3.05 17.33
N VAL B 13 23.83 2.02 16.53
CA VAL B 13 23.07 0.80 16.52
C VAL B 13 23.99 -0.32 16.92
N THR B 14 23.48 -1.22 17.75
CA THR B 14 24.28 -2.32 18.26
C THR B 14 23.59 -3.67 18.02
N SER B 15 24.40 -4.72 17.91
CA SER B 15 23.90 -6.07 18.06
C SER B 15 24.27 -6.51 19.47
N PRO B 16 23.77 -7.68 19.89
CA PRO B 16 24.28 -8.22 21.13
C PRO B 16 25.68 -8.72 20.93
N ILE B 17 26.44 -8.87 22.00
CA ILE B 17 27.75 -9.48 21.89
C ILE B 17 27.50 -10.95 22.16
N TYR B 18 28.12 -11.82 21.36
CA TYR B 18 27.74 -13.24 21.32
C TYR B 18 28.64 -14.11 22.16
N TYR B 19 28.06 -15.06 22.89
CA TYR B 19 28.84 -15.89 23.83
C TYR B 19 29.67 -16.89 23.04
N VAL B 20 30.97 -16.92 23.32
CA VAL B 20 31.89 -17.73 22.53
C VAL B 20 31.88 -19.23 22.88
N ASN B 21 30.88 -19.71 23.61
CA ASN B 21 30.77 -21.16 23.84
C ASN B 21 29.97 -21.88 22.75
N ALA B 22 29.63 -21.15 21.69
CA ALA B 22 28.99 -21.76 20.51
C ALA B 22 29.66 -21.20 19.28
N ALA B 23 29.77 -22.02 18.24
CA ALA B 23 30.22 -21.49 16.94
C ALA B 23 29.12 -20.57 16.40
N PRO B 24 29.47 -19.64 15.49
CA PRO B 24 28.46 -18.79 14.87
C PRO B 24 27.33 -19.61 14.23
N HIS B 25 26.10 -19.12 14.33
CA HIS B 25 24.93 -19.79 13.73
C HIS B 25 23.87 -18.79 13.29
N ILE B 26 22.73 -19.30 12.81
CA ILE B 26 21.66 -18.46 12.25
C ILE B 26 21.22 -17.31 13.15
N GLY B 27 21.16 -17.57 14.45
CA GLY B 27 20.76 -16.57 15.42
C GLY B 27 21.66 -15.36 15.47
N HIS B 28 22.98 -15.60 15.55
CA HIS B 28 23.96 -14.51 15.61
C HIS B 28 23.94 -13.75 14.29
N VAL B 29 23.84 -14.51 13.20
CA VAL B 29 23.83 -13.97 11.85
C VAL B 29 22.62 -13.09 11.66
N TYR B 30 21.48 -13.52 12.22
CA TYR B 30 20.23 -12.78 12.09
C TYR B 30 20.25 -11.44 12.84
N SER B 31 20.61 -11.47 14.12
CA SER B 31 20.69 -10.24 14.89
C SER B 31 21.64 -9.28 14.23
N THR B 32 22.82 -9.75 13.87
CA THR B 32 23.79 -8.88 13.23
C THR B 32 23.29 -8.32 11.89
N LEU B 33 22.53 -9.10 11.13
CA LEU B 33 21.92 -8.62 9.88
C LEU B 33 21.00 -7.41 10.12
N ILE B 34 20.11 -7.54 11.10
CA ILE B 34 19.19 -6.46 11.45
C ILE B 34 20.01 -5.21 11.81
N THR B 35 21.05 -5.40 12.63
CA THR B 35 21.95 -4.33 13.02
C THR B 35 22.56 -3.70 11.78
N ASP B 36 23.09 -4.53 10.90
CA ASP B 36 23.74 -4.04 9.68
C ASP B 36 22.80 -3.22 8.82
N VAL B 37 21.56 -3.73 8.67
CA VAL B 37 20.54 -3.09 7.84
C VAL B 37 20.17 -1.72 8.37
N ILE B 38 19.92 -1.63 9.66
CA ILE B 38 19.54 -0.36 10.26
C ILE B 38 20.69 0.59 10.06
N GLY B 39 21.90 0.10 10.29
CA GLY B 39 23.09 0.91 10.06
C GLY B 39 23.22 1.41 8.64
N ARG B 40 23.03 0.51 7.68
CA ARG B 40 23.11 0.89 6.30
C ARG B 40 22.05 1.94 5.95
N TYR B 41 20.82 1.78 6.46
CA TYR B 41 19.77 2.72 6.10
C TYR B 41 20.19 4.13 6.50
N HIS B 42 20.69 4.24 7.73
CA HIS B 42 21.06 5.54 8.23
C HIS B 42 22.25 6.12 7.51
N ARG B 43 23.15 5.28 7.03
CA ARG B 43 24.25 5.77 6.18
C ARG B 43 23.72 6.25 4.83
N VAL B 44 22.76 5.54 4.25
CA VAL B 44 22.15 5.99 3.00
C VAL B 44 21.39 7.31 3.21
N LYS B 45 20.78 7.51 4.36
CA LYS B 45 20.09 8.76 4.67
C LYS B 45 21.08 9.92 4.79
N GLY B 46 22.37 9.60 4.94
CA GLY B 46 23.43 10.60 5.03
C GLY B 46 23.77 11.01 6.45
N GLU B 47 23.56 10.10 7.39
CA GLU B 47 23.89 10.32 8.79
C GLU B 47 25.23 9.68 9.07
N ARG B 48 25.91 10.17 10.09
CA ARG B 48 27.04 9.47 10.63
C ARG B 48 26.50 8.27 11.40
N VAL B 49 27.12 7.11 11.19
CA VAL B 49 26.68 5.87 11.81
C VAL B 49 27.85 5.15 12.50
N PHE B 50 27.55 4.50 13.62
CA PHE B 50 28.47 3.58 14.27
C PHE B 50 27.72 2.32 14.66
N ALA B 51 27.98 1.23 13.93
CA ALA B 51 27.36 -0.06 14.17
C ALA B 51 28.32 -0.99 14.92
N LEU B 52 27.84 -1.62 15.99
CA LEU B 52 28.69 -2.38 16.90
C LEU B 52 28.19 -3.81 17.04
N THR B 53 29.12 -4.76 17.06
CA THR B 53 28.83 -6.16 17.33
C THR B 53 30.02 -6.72 18.10
N GLY B 54 29.99 -8.00 18.46
CA GLY B 54 31.16 -8.61 19.07
C GLY B 54 30.91 -9.81 19.95
N THR B 55 31.85 -10.09 20.85
CA THR B 55 31.85 -11.34 21.57
C THR B 55 31.92 -11.19 23.07
N ASP B 56 31.06 -11.96 23.75
CA ASP B 56 31.04 -12.12 25.21
C ASP B 56 32.02 -13.26 25.48
N GLU B 57 33.12 -12.97 26.17
CA GLU B 57 34.23 -13.94 26.27
C GLU B 57 34.55 -14.54 27.65
N HIS B 58 33.92 -14.04 28.71
CA HIS B 58 34.24 -14.46 30.09
C HIS B 58 33.31 -15.49 30.66
N GLY B 59 33.71 -16.09 31.77
CA GLY B 59 32.83 -16.99 32.52
C GLY B 59 33.29 -18.44 32.59
N GLN B 60 32.65 -19.21 33.47
CA GLN B 60 33.09 -20.58 33.70
C GLN B 60 32.97 -21.50 32.47
N LYS B 61 31.93 -21.30 31.68
CA LYS B 61 31.67 -22.19 30.53
C LYS B 61 32.72 -22.05 29.43
N VAL B 62 33.23 -20.83 29.23
CA VAL B 62 34.31 -20.59 28.27
C VAL B 62 35.58 -21.31 28.77
N ALA B 63 35.94 -21.06 30.03
CA ALA B 63 37.08 -21.74 30.65
C ALA B 63 36.99 -23.25 30.50
N GLU B 64 35.78 -23.79 30.67
CA GLU B 64 35.54 -25.24 30.56
C GLU B 64 35.66 -25.73 29.12
N ALA B 65 35.13 -24.96 28.17
CA ALA B 65 35.25 -25.29 26.75
C ALA B 65 36.71 -25.35 26.35
N ALA B 66 37.46 -24.33 26.76
CA ALA B 66 38.91 -24.27 26.59
C ALA B 66 39.61 -25.48 27.19
N LYS B 67 39.18 -25.91 28.37
CA LYS B 67 39.80 -27.05 29.04
C LYS B 67 39.62 -28.33 28.22
N GLN B 68 38.41 -28.56 27.70
CA GLN B 68 38.16 -29.76 26.91
C GLN B 68 38.96 -29.76 25.62
N LYS B 69 39.15 -28.57 25.03
CA LYS B 69 39.94 -28.43 23.80
C LYS B 69 41.46 -28.39 24.06
N GLN B 70 41.84 -28.36 25.34
CA GLN B 70 43.25 -28.43 25.78
C GLN B 70 44.09 -27.23 25.32
N VAL B 71 43.45 -26.07 25.27
CA VAL B 71 44.08 -24.80 24.89
C VAL B 71 43.80 -23.82 26.02
N SER B 72 44.52 -22.70 26.08
CA SER B 72 44.25 -21.73 27.13
C SER B 72 42.94 -20.99 26.81
N PRO B 73 42.26 -20.46 27.84
CA PRO B 73 41.04 -19.69 27.58
C PRO B 73 41.26 -18.52 26.63
N TYR B 74 42.42 -17.90 26.73
CA TYR B 74 42.81 -16.77 25.88
C TYR B 74 42.92 -17.19 24.40
N ASP B 75 43.50 -18.35 24.14
CA ASP B 75 43.58 -18.87 22.79
C ASP B 75 42.20 -19.29 22.27
N PHE B 76 41.44 -19.99 23.12
CA PHE B 76 40.09 -20.41 22.77
C PHE B 76 39.25 -19.20 22.33
N THR B 77 39.18 -18.17 23.18
CA THR B 77 38.37 -16.99 22.92
C THR B 77 38.86 -16.22 21.70
N THR B 78 40.17 -16.12 21.51
CA THR B 78 40.70 -15.45 20.33
C THR B 78 40.30 -16.21 19.07
N ALA B 79 40.38 -17.54 19.13
CA ALA B 79 40.01 -18.40 18.01
C ALA B 79 38.52 -18.29 17.67
N VAL B 80 37.65 -18.28 18.67
CA VAL B 80 36.22 -18.20 18.39
C VAL B 80 35.85 -16.78 17.92
N ALA B 81 36.41 -15.75 18.55
CA ALA B 81 36.23 -14.39 18.09
C ALA B 81 36.55 -14.31 16.59
N GLY B 82 37.62 -14.99 16.17
CA GLY B 82 38.02 -15.06 14.77
C GLY B 82 36.97 -15.70 13.90
N GLU B 83 36.42 -16.82 14.35
CA GLU B 83 35.30 -17.49 13.67
C GLU B 83 34.14 -16.53 13.43
N PHE B 84 33.78 -15.75 14.43
CA PHE B 84 32.68 -14.78 14.31
C PHE B 84 33.07 -13.65 13.35
N LYS B 85 34.28 -13.12 13.47
CA LYS B 85 34.73 -12.07 12.54
C LYS B 85 34.68 -12.55 11.11
N LYS B 86 35.15 -13.78 10.90
CA LYS B 86 35.14 -14.37 9.57
C LYS B 86 33.71 -14.56 9.04
N CYS B 87 32.77 -14.87 9.93
CA CYS B 87 31.42 -15.15 9.50
C CYS B 87 30.78 -13.90 8.95
N PHE B 88 30.99 -12.79 9.65
CA PHE B 88 30.39 -11.52 9.28
C PHE B 88 31.10 -10.91 8.06
N GLU B 89 32.38 -11.26 7.85
CA GLU B 89 33.03 -10.94 6.58
C GLU B 89 32.32 -11.69 5.46
N GLN B 90 32.18 -13.01 5.60
CA GLN B 90 31.51 -13.83 4.58
C GLN B 90 30.11 -13.34 4.27
N MET B 91 29.38 -12.99 5.31
CA MET B 91 28.02 -12.46 5.17
C MET B 91 27.95 -11.07 4.52
N ASP B 92 29.08 -10.39 4.41
CA ASP B 92 29.16 -9.10 3.72
C ASP B 92 28.45 -8.01 4.49
N TYR B 93 28.69 -7.96 5.80
CA TYR B 93 28.16 -6.91 6.65
C TYR B 93 29.11 -5.70 6.62
N SER B 94 28.62 -4.56 7.10
CA SER B 94 29.42 -3.38 7.26
C SER B 94 29.32 -2.84 8.69
N ILE B 95 29.66 -3.68 9.66
CA ILE B 95 29.71 -3.28 11.06
C ILE B 95 31.02 -2.53 11.30
N ASP B 96 30.94 -1.37 11.94
CA ASP B 96 32.08 -0.47 12.08
C ASP B 96 33.11 -0.96 13.10
N TYR B 97 32.67 -1.70 14.13
CA TYR B 97 33.60 -2.22 15.14
C TYR B 97 33.15 -3.52 15.81
N PHE B 98 34.13 -4.37 16.11
CA PHE B 98 33.91 -5.67 16.70
C PHE B 98 34.57 -5.68 18.09
N ILE B 99 33.76 -5.71 19.15
CA ILE B 99 34.29 -5.51 20.49
C ILE B 99 34.43 -6.87 21.16
N ARG B 100 35.57 -7.12 21.78
CA ARG B 100 35.75 -8.32 22.58
C ARG B 100 35.86 -7.92 24.04
N THR B 101 35.16 -8.64 24.91
CA THR B 101 35.14 -8.29 26.32
C THR B 101 36.47 -8.56 27.05
N THR B 102 37.36 -9.34 26.44
CA THR B 102 38.72 -9.51 26.95
C THR B 102 39.59 -8.27 26.70
N ASN B 103 39.08 -7.32 25.94
CA ASN B 103 39.80 -6.10 25.66
C ASN B 103 40.02 -5.27 26.93
N GLU B 104 41.22 -4.71 27.04
CA GLU B 104 41.59 -3.95 28.25
C GLU B 104 40.75 -2.68 28.44
N GLN B 105 40.37 -2.02 27.35
CA GLN B 105 39.58 -0.79 27.46
C GLN B 105 38.18 -1.11 27.97
N HIS B 106 37.62 -2.19 27.48
CA HIS B 106 36.34 -2.63 28.02
C HIS B 106 36.41 -2.87 29.50
N LYS B 107 37.52 -3.44 29.96
CA LYS B 107 37.69 -3.73 31.37
C LYS B 107 37.84 -2.44 32.18
N ALA B 108 38.54 -1.45 31.63
CA ALA B 108 38.62 -0.11 32.24
C ALA B 108 37.22 0.49 32.42
N VAL B 109 36.40 0.42 31.37
CA VAL B 109 35.03 0.92 31.41
C VAL B 109 34.17 0.16 32.42
N VAL B 110 34.30 -1.17 32.45
CA VAL B 110 33.55 -1.98 33.40
C VAL B 110 33.90 -1.62 34.84
N LYS B 111 35.18 -1.35 35.09
CA LYS B 111 35.60 -0.99 36.44
CA LYS B 111 35.68 -0.94 36.42
C LYS B 111 35.11 0.42 36.80
N GLU B 112 35.03 1.31 35.79
CA GLU B 112 34.48 2.65 36.00
C GLU B 112 33.02 2.60 36.39
N LEU B 113 32.24 1.87 35.62
CA LEU B 113 30.80 1.76 35.88
C LEU B 113 30.54 1.07 37.21
N TRP B 114 31.28 -0.02 37.44
CA TRP B 114 31.18 -0.71 38.69
C TRP B 114 31.39 0.26 39.81
N THR B 115 32.50 0.99 39.78
CA THR B 115 32.89 1.87 40.89
C THR B 115 31.83 2.96 41.12
N LYS B 116 31.30 3.50 40.03
CA LYS B 116 30.30 4.55 40.16
C LYS B 116 29.05 4.02 40.91
N LEU B 117 28.56 2.85 40.50
CA LEU B 117 27.38 2.27 41.12
C LEU B 117 27.62 1.97 42.59
N GLU B 118 28.83 1.53 42.91
CA GLU B 118 29.22 1.23 44.28
C GLU B 118 29.26 2.52 45.09
N GLN B 119 29.82 3.59 44.52
CA GLN B 119 29.89 4.89 45.21
C GLN B 119 28.51 5.54 45.44
N LYS B 120 27.57 5.34 44.50
CA LYS B 120 26.17 5.75 44.68
C LYS B 120 25.41 4.97 45.77
N GLY B 121 25.99 3.87 46.25
CA GLY B 121 25.31 2.98 47.19
C GLY B 121 24.33 2.01 46.55
N ASP B 122 24.42 1.85 45.23
CA ASP B 122 23.52 0.96 44.48
C ASP B 122 24.10 -0.45 44.31
N ILE B 123 25.40 -0.62 44.59
CA ILE B 123 26.02 -1.94 44.76
C ILE B 123 26.51 -2.01 46.20
N TYR B 124 26.26 -3.13 46.89
CA TYR B 124 26.75 -3.32 48.26
C TYR B 124 27.20 -4.75 48.47
N LEU B 125 28.03 -4.96 49.49
CA LEU B 125 28.58 -6.27 49.77
C LEU B 125 27.90 -6.86 50.99
N GLY B 126 27.44 -8.11 50.87
CA GLY B 126 26.82 -8.82 51.98
C GLY B 126 27.09 -10.31 51.92
N ARG B 127 26.91 -10.99 53.04
CA ARG B 127 27.11 -12.44 53.10
C ARG B 127 25.83 -13.12 52.66
N TYR B 128 25.89 -13.90 51.60
CA TYR B 128 24.75 -14.71 51.17
C TYR B 128 24.83 -16.07 51.82
N GLU B 129 23.68 -16.57 52.30
CA GLU B 129 23.57 -17.97 52.76
C GLU B 129 22.27 -18.57 52.24
N GLY B 130 22.42 -19.65 51.47
CA GLY B 130 21.31 -20.28 50.76
C GLY B 130 21.79 -21.18 49.64
N TRP B 131 20.87 -21.56 48.76
CA TRP B 131 21.16 -22.50 47.67
C TRP B 131 21.70 -21.80 46.45
N TYR B 132 22.58 -22.48 45.73
CA TYR B 132 23.15 -21.98 44.47
C TYR B 132 23.40 -23.15 43.53
N SER B 133 22.77 -23.12 42.34
CA SER B 133 23.05 -24.10 41.28
C SER B 133 24.35 -23.73 40.55
N ILE B 134 25.37 -24.58 40.68
CA ILE B 134 26.68 -24.29 40.08
C ILE B 134 26.57 -24.30 38.55
N SER B 135 25.83 -25.28 38.04
CA SER B 135 25.64 -25.45 36.60
C SER B 135 24.82 -24.32 35.96
N ASP B 136 23.72 -23.94 36.61
CA ASP B 136 22.87 -22.87 36.11
C ASP B 136 23.46 -21.48 36.37
N GLU B 137 24.45 -21.39 37.27
CA GLU B 137 25.04 -20.11 37.69
C GLU B 137 23.98 -19.21 38.35
N SER B 138 23.07 -19.85 39.10
CA SER B 138 21.89 -19.19 39.69
C SER B 138 21.84 -19.33 41.20
N PHE B 139 21.52 -18.24 41.88
CA PHE B 139 21.09 -18.30 43.27
C PHE B 139 19.60 -18.70 43.28
N LEU B 140 19.24 -19.63 44.16
CA LEU B 140 17.88 -20.15 44.21
C LEU B 140 17.33 -20.03 45.63
N THR B 141 16.06 -19.64 45.75
CA THR B 141 15.43 -19.52 47.06
C THR B 141 15.03 -20.91 47.56
N PRO B 142 14.74 -21.04 48.88
CA PRO B 142 14.33 -22.36 49.41
C PRO B 142 13.15 -23.03 48.67
N GLN B 143 12.23 -22.23 48.14
CA GLN B 143 11.04 -22.77 47.44
C GLN B 143 11.32 -23.29 46.04
N ASN B 144 12.45 -22.88 45.44
CA ASN B 144 12.89 -23.39 44.12
C ASN B 144 13.71 -24.67 44.24
N ILE B 145 13.54 -25.40 45.35
CA ILE B 145 14.32 -26.59 45.66
C ILE B 145 13.36 -27.78 45.84
N THR B 146 13.70 -28.93 45.27
CA THR B 146 13.02 -30.22 45.56
C THR B 146 14.00 -31.39 45.37
N ASP B 147 13.70 -32.52 45.99
CA ASP B 147 14.58 -33.70 45.95
C ASP B 147 14.81 -34.25 44.54
N GLY B 148 15.94 -34.94 44.36
CA GLY B 148 16.33 -35.50 43.07
C GLY B 148 17.66 -36.24 43.10
N VAL B 149 17.99 -36.91 41.99
CA VAL B 149 19.21 -37.72 41.90
C VAL B 149 20.42 -36.87 41.47
N ASP B 150 21.61 -37.28 41.87
CA ASP B 150 22.85 -36.61 41.50
C ASP B 150 23.13 -36.80 40.01
N ASN B 154 22.12 -40.98 43.77
CA ASN B 154 22.10 -40.69 45.20
C ASN B 154 21.37 -39.37 45.54
N PRO B 155 20.58 -39.36 46.63
CA PRO B 155 19.69 -38.24 46.96
C PRO B 155 20.40 -36.90 47.21
N CYS B 156 19.89 -35.84 46.57
CA CYS B 156 20.39 -34.48 46.78
C CYS B 156 19.25 -33.48 46.54
N LYS B 157 19.56 -32.19 46.59
CA LYS B 157 18.60 -31.17 46.24
C LYS B 157 18.90 -30.64 44.84
N VAL B 158 17.85 -30.47 44.03
CA VAL B 158 17.98 -30.00 42.66
C VAL B 158 16.92 -28.93 42.36
N SER B 159 17.23 -28.03 41.42
CA SER B 159 16.31 -26.95 41.07
C SER B 159 15.06 -27.49 40.36
N LEU B 160 13.90 -27.00 40.79
CA LEU B 160 12.63 -27.35 40.17
C LEU B 160 12.56 -26.91 38.70
N GLU B 161 13.38 -25.92 38.34
CA GLU B 161 13.42 -25.38 36.97
C GLU B 161 14.18 -26.28 36.00
N SER B 162 15.49 -26.46 36.21
CA SER B 162 16.36 -27.14 35.25
C SER B 162 16.78 -28.57 35.66
N GLY B 163 16.54 -28.94 36.91
CA GLY B 163 16.84 -30.29 37.40
C GLY B 163 18.26 -30.54 37.90
N HIS B 164 19.15 -29.56 37.71
CA HIS B 164 20.56 -29.70 38.08
C HIS B 164 20.76 -29.61 39.57
N VAL B 165 21.90 -30.11 40.05
CA VAL B 165 22.17 -30.17 41.50
C VAL B 165 22.45 -28.79 42.07
N VAL B 166 21.75 -28.46 43.17
CA VAL B 166 21.98 -27.21 43.92
C VAL B 166 22.95 -27.49 45.06
N THR B 167 23.64 -26.45 45.51
CA THR B 167 24.58 -26.56 46.62
C THR B 167 24.26 -25.46 47.63
N TRP B 168 24.31 -25.79 48.92
CA TRP B 168 24.29 -24.76 49.96
C TRP B 168 25.62 -24.04 49.95
N VAL B 169 25.58 -22.70 49.94
CA VAL B 169 26.82 -21.91 50.00
C VAL B 169 26.73 -20.79 51.02
N SER B 170 27.91 -20.37 51.51
CA SER B 170 28.03 -19.22 52.39
C SER B 170 29.19 -18.34 51.89
N GLU B 171 28.87 -17.24 51.20
CA GLU B 171 29.89 -16.41 50.53
C GLU B 171 29.54 -14.94 50.61
N GLU B 172 30.57 -14.10 50.62
CA GLU B 172 30.40 -12.67 50.35
C GLU B 172 29.99 -12.50 48.89
N ASN B 173 29.14 -11.51 48.62
CA ASN B 173 28.57 -11.34 47.30
C ASN B 173 28.09 -9.91 47.09
N TYR B 174 28.31 -9.38 45.88
CA TYR B 174 27.88 -8.04 45.57
C TYR B 174 26.52 -8.10 44.91
N MET B 175 25.60 -7.28 45.42
CA MET B 175 24.23 -7.16 44.90
C MET B 175 24.08 -5.78 44.32
N PHE B 176 23.43 -5.71 43.16
CA PHE B 176 22.91 -4.44 42.66
C PHE B 176 21.47 -4.27 43.17
N ARG B 177 21.16 -3.07 43.66
CA ARG B 177 19.90 -2.82 44.36
C ARG B 177 18.75 -2.55 43.41
N LEU B 178 18.52 -3.51 42.51
CA LEU B 178 17.59 -3.35 41.39
C LEU B 178 16.18 -3.04 41.87
N SER B 179 15.78 -3.59 43.02
CA SER B 179 14.45 -3.32 43.55
C SER B 179 14.18 -1.84 43.74
N ALA B 180 15.24 -1.06 43.93
CA ALA B 180 15.11 0.39 44.15
C ALA B 180 14.73 1.18 42.91
N PHE B 181 14.80 0.55 41.73
CA PHE B 181 14.60 1.23 40.44
C PHE B 181 13.26 0.94 39.76
N ARG B 182 12.41 0.16 40.42
CA ARG B 182 11.09 -0.17 39.87
C ARG B 182 10.32 1.06 39.39
N GLU B 183 10.17 2.07 40.23
CA GLU B 183 9.37 3.24 39.88
C GLU B 183 9.99 4.01 38.71
N ARG B 184 11.29 4.26 38.77
CA ARG B 184 11.97 4.95 37.69
C ARG B 184 11.88 4.21 36.34
N LEU B 185 12.01 2.90 36.36
CA LEU B 185 11.90 2.11 35.13
C LEU B 185 10.48 2.23 34.57
N LEU B 186 9.49 2.16 35.45
CA LEU B 186 8.11 2.29 35.03
C LEU B 186 7.83 3.69 34.46
N GLU B 187 8.40 4.73 35.07
CA GLU B 187 8.21 6.08 34.55
C GLU B 187 8.85 6.20 33.15
N TRP B 188 9.97 5.51 32.98
CA TRP B 188 10.66 5.52 31.68
C TRP B 188 9.90 4.79 30.62
N TYR B 189 9.34 3.62 30.94
CA TYR B 189 8.55 2.89 29.94
C TYR B 189 7.31 3.69 29.53
N HIS B 190 6.69 4.43 30.46
CA HIS B 190 5.48 5.18 30.13
CA HIS B 190 5.47 5.21 30.18
C HIS B 190 5.78 6.50 29.46
N ALA B 191 6.87 7.17 29.85
CA ALA B 191 7.29 8.40 29.20
C ALA B 191 7.78 8.18 27.77
N ASN B 192 8.21 6.97 27.44
CA ASN B 192 8.79 6.68 26.13
C ASN B 192 8.18 5.41 25.56
N PRO B 193 6.90 5.50 25.14
CA PRO B 193 6.13 4.30 24.78
C PRO B 193 6.56 3.60 23.49
N GLY B 194 7.59 4.09 22.81
CA GLY B 194 8.17 3.35 21.70
C GLY B 194 9.54 2.75 22.02
N CYS B 195 9.94 2.76 23.29
CA CYS B 195 11.30 2.40 23.66
C CYS B 195 11.59 0.90 23.57
N ILE B 196 10.55 0.06 23.61
CA ILE B 196 10.71 -1.37 23.38
C ILE B 196 9.80 -1.73 22.22
N VAL B 197 10.32 -2.47 21.26
CA VAL B 197 9.55 -2.93 20.11
C VAL B 197 9.83 -4.42 19.91
N PRO B 198 8.83 -5.22 19.50
CA PRO B 198 7.44 -4.87 19.19
C PRO B 198 6.61 -4.63 20.43
N GLU B 199 5.43 -4.05 20.25
CA GLU B 199 4.64 -3.49 21.33
C GLU B 199 4.26 -4.52 22.38
N PHE B 200 3.92 -5.74 21.97
CA PHE B 200 3.52 -6.76 22.94
C PHE B 200 4.70 -7.16 23.84
N ARG B 201 5.91 -7.02 23.32
CA ARG B 201 7.10 -7.24 24.13
C ARG B 201 7.29 -6.16 25.18
N ARG B 202 6.93 -4.94 24.83
CA ARG B 202 7.01 -3.83 25.76
C ARG B 202 6.04 -4.05 26.92
N ARG B 203 4.83 -4.48 26.58
CA ARG B 203 3.81 -4.77 27.58
C ARG B 203 4.27 -5.86 28.54
N GLU B 204 4.98 -6.86 28.03
CA GLU B 204 5.52 -7.94 28.87
C GLU B 204 6.53 -7.45 29.89
N VAL B 205 7.43 -6.57 29.46
CA VAL B 205 8.41 -6.04 30.36
C VAL B 205 7.72 -5.21 31.44
N ILE B 206 6.74 -4.40 31.05
CA ILE B 206 6.06 -3.54 32.00
C ILE B 206 5.36 -4.37 33.08
N ARG B 207 4.68 -5.43 32.67
CA ARG B 207 4.03 -6.32 33.62
C ARG B 207 5.03 -6.92 34.58
N ALA B 208 6.18 -7.36 34.06
CA ALA B 208 7.24 -7.92 34.89
C ALA B 208 7.60 -6.92 35.98
N VAL B 209 7.98 -5.72 35.56
CA VAL B 209 8.43 -4.69 36.49
C VAL B 209 7.32 -4.22 37.46
N GLU B 210 6.05 -4.25 37.04
CA GLU B 210 4.94 -3.92 37.94
C GLU B 210 4.82 -4.93 39.10
N LYS B 211 5.10 -6.20 38.84
CA LYS B 211 5.06 -7.21 39.90
C LYS B 211 6.11 -7.01 41.00
N GLY B 212 7.11 -6.16 40.76
CA GLY B 212 8.18 -5.93 41.73
C GLY B 212 9.44 -6.60 41.25
N LEU B 213 10.58 -6.02 41.60
CA LEU B 213 11.89 -6.55 41.16
C LEU B 213 12.74 -6.98 42.34
N PRO B 214 13.36 -8.16 42.25
CA PRO B 214 14.37 -8.55 43.23
C PRO B 214 15.70 -7.84 42.97
N ASP B 215 16.57 -7.77 43.97
CA ASP B 215 17.92 -7.27 43.74
C ASP B 215 18.72 -8.26 42.88
N LEU B 216 19.82 -7.81 42.30
CA LEU B 216 20.53 -8.57 41.29
C LEU B 216 21.97 -8.82 41.71
N SER B 217 22.33 -10.09 41.80
CA SER B 217 23.71 -10.46 42.11
C SER B 217 24.60 -10.14 40.92
N VAL B 218 25.67 -9.37 41.16
CA VAL B 218 26.56 -8.91 40.07
C VAL B 218 28.02 -9.40 40.19
N SER B 219 28.29 -10.30 41.12
CA SER B 219 29.61 -10.94 41.24
C SER B 219 29.52 -12.42 41.49
N ARG B 220 30.59 -13.12 41.15
CA ARG B 220 30.75 -14.50 41.61
C ARG B 220 32.12 -14.64 42.23
N ALA B 221 32.26 -15.64 43.10
CA ALA B 221 33.57 -15.99 43.66
C ALA B 221 34.47 -16.43 42.51
N ARG B 222 35.75 -16.09 42.58
CA ARG B 222 36.67 -16.36 41.47
C ARG B 222 36.87 -17.85 41.16
N ALA B 223 36.87 -18.70 42.17
CA ALA B 223 36.97 -20.15 41.93
C ALA B 223 35.81 -20.63 41.03
N THR B 224 34.61 -20.10 41.28
CA THR B 224 33.38 -20.48 40.55
C THR B 224 33.50 -20.25 39.04
N LEU B 225 34.20 -19.17 38.67
CA LEU B 225 34.43 -18.78 37.29
C LEU B 225 35.78 -19.23 36.73
N HIS B 226 36.46 -20.12 37.45
CA HIS B 226 37.79 -20.58 37.05
C HIS B 226 38.73 -19.43 36.74
N ASN B 227 38.61 -18.35 37.50
CA ASN B 227 39.48 -17.19 37.33
C ASN B 227 39.44 -16.61 35.92
N TRP B 228 38.29 -16.71 35.27
CA TRP B 228 38.16 -16.25 33.90
C TRP B 228 37.07 -15.23 33.75
N ALA B 229 37.30 -14.06 34.36
CA ALA B 229 36.36 -12.95 34.36
C ALA B 229 37.12 -11.69 34.76
N ILE B 230 36.43 -10.55 34.85
CA ILE B 230 37.08 -9.31 35.29
C ILE B 230 37.02 -9.20 36.82
N PRO B 231 38.12 -8.81 37.48
CA PRO B 231 38.08 -8.69 38.93
C PRO B 231 37.23 -7.53 39.44
N VAL B 232 36.57 -7.74 40.57
CA VAL B 232 35.88 -6.65 41.24
C VAL B 232 36.93 -5.63 41.70
N PRO B 233 36.76 -4.35 41.32
CA PRO B 233 37.66 -3.27 41.69
C PRO B 233 37.87 -3.19 43.18
N GLY B 234 39.12 -3.27 43.61
CA GLY B 234 39.45 -3.31 45.03
C GLY B 234 39.11 -4.60 45.77
N ASN B 235 38.64 -5.63 45.06
CA ASN B 235 38.41 -6.94 45.70
C ASN B 235 38.74 -8.12 44.76
N PRO B 236 40.02 -8.52 44.73
CA PRO B 236 40.50 -9.52 43.77
C PRO B 236 39.94 -10.93 43.95
N ASP B 237 39.26 -11.19 45.07
CA ASP B 237 38.63 -12.49 45.31
C ASP B 237 37.31 -12.70 44.59
N HIS B 238 36.75 -11.65 44.00
CA HIS B 238 35.45 -11.72 43.31
C HIS B 238 35.55 -11.18 41.93
N CAS B 239 34.63 -11.65 41.08
CA CAS B 239 34.63 -11.28 39.68
CB CAS B 239 34.77 -12.52 38.81
C CAS B 239 33.35 -10.62 39.30
O CAS B 239 32.30 -10.92 39.85
SG CAS B 239 36.16 -13.53 39.23
AS CAS B 239 38.09 -12.59 38.73
CE1 CAS B 239 39.00 -11.55 40.18
CE2 CAS B 239 39.01 -12.78 36.99
N VAL B 240 33.43 -9.73 38.32
CA VAL B 240 32.24 -9.13 37.77
C VAL B 240 31.53 -10.22 36.94
N TYR B 241 30.26 -10.46 37.26
CA TYR B 241 29.45 -11.41 36.50
C TYR B 241 28.97 -10.79 35.16
N VAL B 242 28.21 -11.57 34.37
CA VAL B 242 27.81 -11.19 33.01
C VAL B 242 27.13 -9.82 32.85
N TRP B 243 26.31 -9.42 33.82
CA TRP B 243 25.49 -8.22 33.66
C TRP B 243 26.36 -7.01 33.48
N LEU B 244 27.14 -6.66 34.50
CA LEU B 244 27.97 -5.46 34.41
C LEU B 244 29.20 -5.61 33.50
N ASP B 245 29.48 -6.84 33.05
CA ASP B 245 30.55 -7.09 32.11
C ASP B 245 30.02 -6.97 30.68
N ALA B 246 29.07 -7.82 30.30
CA ALA B 246 28.62 -7.91 28.92
C ALA B 246 27.77 -6.71 28.47
N LEU B 247 26.81 -6.28 29.28
CA LEU B 247 25.92 -5.19 28.87
C LEU B 247 26.73 -3.91 28.68
N THR B 248 27.80 -3.75 29.47
CA THR B 248 28.65 -2.56 29.37
C THR B 248 29.37 -2.43 28.01
N ASN B 249 29.37 -3.48 27.21
CA ASN B 249 30.06 -3.41 25.92
C ASN B 249 29.58 -2.20 25.10
N TYR B 250 28.30 -1.88 25.21
CA TYR B 250 27.72 -0.78 24.50
C TYR B 250 28.31 0.56 24.95
N LEU B 251 28.51 0.73 26.24
CA LEU B 251 29.20 1.90 26.76
C LEU B 251 30.66 1.95 26.27
N THR B 252 31.36 0.83 26.35
CA THR B 252 32.75 0.81 25.89
C THR B 252 32.86 1.23 24.43
N GLY B 253 32.09 0.57 23.58
CA GLY B 253 32.11 0.84 22.15
C GLY B 253 31.79 2.29 21.82
N SER B 254 30.95 2.91 22.63
CA SER B 254 30.56 4.29 22.39
C SER B 254 31.71 5.23 22.63
N ARG B 255 32.75 4.74 23.31
CA ARG B 255 33.91 5.53 23.71
C ARG B 255 35.23 5.16 23.03
N LEU B 256 35.21 4.18 22.13
CA LEU B 256 36.42 3.79 21.41
C LEU B 256 36.63 4.57 20.11
N ARG B 257 37.75 5.26 20.00
CA ARG B 257 38.24 5.75 18.69
C ARG B 257 38.79 4.59 17.85
N VAL B 258 38.29 4.47 16.62
CA VAL B 258 38.65 3.36 15.74
C VAL B 258 39.34 3.88 14.49
N ASP B 259 40.38 3.19 14.04
CA ASP B 259 41.14 3.60 12.83
C ASP B 259 40.52 3.05 11.54
N GLU B 260 41.15 3.37 10.41
CA GLU B 260 40.65 2.95 9.09
C GLU B 260 40.57 1.40 8.96
N SER B 261 41.47 0.69 9.63
CA SER B 261 41.49 -0.79 9.58
C SER B 261 40.45 -1.47 10.51
N GLY B 262 39.91 -0.72 11.48
CA GLY B 262 38.89 -1.23 12.40
C GLY B 262 39.40 -1.58 13.79
N LYS B 263 40.64 -1.18 14.10
CA LYS B 263 41.24 -1.48 15.40
C LYS B 263 41.06 -0.34 16.42
N GLU B 264 40.71 -0.72 17.65
CA GLU B 264 40.63 0.19 18.79
C GLU B 264 41.94 0.93 19.00
N VAL B 265 41.91 2.23 18.85
CA VAL B 265 43.12 3.02 18.93
C VAL B 265 43.18 3.81 20.25
N SER B 266 42.03 4.05 20.88
CA SER B 266 41.96 5.00 21.99
C SER B 266 40.59 4.94 22.70
N LEU B 267 40.59 5.09 24.02
CA LEU B 267 39.37 5.16 24.83
C LEU B 267 39.25 6.57 25.40
N VAL B 268 38.27 7.32 24.91
CA VAL B 268 38.02 8.66 25.41
C VAL B 268 37.38 8.58 26.80
N ASP B 269 37.54 9.63 27.61
CA ASP B 269 36.98 9.68 28.98
C ASP B 269 35.49 9.95 28.95
N ASP B 270 35.09 10.96 28.18
CA ASP B 270 33.70 11.41 28.11
C ASP B 270 32.99 10.84 26.87
N PHE B 271 31.95 10.05 27.08
CA PHE B 271 31.16 9.45 26.00
C PHE B 271 30.62 10.48 25.01
N ASN B 272 30.25 11.66 25.51
CA ASN B 272 29.84 12.75 24.63
C ASN B 272 30.87 13.18 23.61
N GLU B 273 32.13 12.79 23.76
CA GLU B 273 33.15 13.24 22.80
C GLU B 273 32.90 12.66 21.40
N LEU B 274 32.38 11.44 21.32
CA LEU B 274 32.19 10.75 20.06
C LEU B 274 30.74 10.75 19.56
N GLU B 275 29.82 11.20 20.41
CA GLU B 275 28.41 11.46 20.03
C GLU B 275 27.63 10.20 19.67
N ARG B 276 28.00 9.08 20.27
CA ARG B 276 27.31 7.82 20.01
C ARG B 276 26.36 7.43 21.12
N PHE B 277 26.82 7.49 22.37
CA PHE B 277 26.02 7.02 23.49
C PHE B 277 24.88 7.98 23.77
N PRO B 278 23.69 7.44 24.05
CA PRO B 278 23.31 6.05 24.14
C PRO B 278 22.83 5.53 22.80
N ALA B 279 22.77 4.21 22.67
CA ALA B 279 22.31 3.57 21.44
C ALA B 279 20.99 4.16 20.98
N ASP B 280 20.87 4.37 19.67
CA ASP B 280 19.58 4.72 19.10
C ASP B 280 18.72 3.46 18.91
N VAL B 281 19.37 2.33 18.64
CA VAL B 281 18.69 1.05 18.67
C VAL B 281 19.62 -0.03 19.15
N HIS B 282 19.18 -0.76 20.19
CA HIS B 282 19.77 -2.03 20.54
C HIS B 282 18.96 -3.11 19.87
N VAL B 283 19.59 -3.87 18.98
CA VAL B 283 18.98 -5.07 18.41
C VAL B 283 19.30 -6.28 19.29
N ILE B 284 18.26 -7.02 19.72
CA ILE B 284 18.42 -8.23 20.51
C ILE B 284 17.38 -9.30 20.16
N GLY B 285 17.68 -10.54 20.52
CA GLY B 285 16.67 -11.61 20.49
C GLY B 285 15.81 -11.56 21.73
N LYS B 286 14.61 -12.13 21.65
CA LYS B 286 13.66 -12.07 22.74
C LYS B 286 14.23 -12.70 24.01
N ASP B 287 15.16 -13.63 23.81
CA ASP B 287 15.87 -14.35 24.89
C ASP B 287 16.57 -13.46 25.91
N ILE B 288 17.06 -12.29 25.47
CA ILE B 288 17.76 -11.40 26.36
C ILE B 288 17.06 -10.05 26.56
N LEU B 289 15.75 -10.02 26.35
CA LEU B 289 14.97 -8.76 26.40
C LEU B 289 14.97 -8.16 27.78
N LYS B 290 14.75 -8.99 28.80
CA LYS B 290 14.67 -8.45 30.15
C LYS B 290 15.97 -7.87 30.67
N PHE B 291 17.10 -8.35 30.16
CA PHE B 291 18.40 -7.87 30.62
C PHE B 291 18.67 -6.50 30.05
N HIS B 292 18.17 -6.28 28.84
CA HIS B 292 18.30 -4.99 28.16
C HIS B 292 17.27 -3.97 28.56
N ALA B 293 16.07 -4.42 28.93
CA ALA B 293 14.96 -3.50 29.22
C ALA B 293 14.80 -3.24 30.71
N ILE B 294 15.27 -4.15 31.56
CA ILE B 294 15.18 -3.99 33.02
C ILE B 294 16.58 -3.68 33.61
N TYR B 295 17.51 -4.62 33.52
CA TYR B 295 18.83 -4.49 34.19
C TYR B 295 19.64 -3.33 33.64
N TRP B 296 19.79 -3.32 32.31
CA TRP B 296 20.65 -2.33 31.63
C TRP B 296 20.28 -0.90 31.94
N PRO B 297 19.01 -0.52 31.73
CA PRO B 297 18.66 0.87 32.08
C PRO B 297 18.76 1.18 33.58
N ALA B 298 18.51 0.18 34.44
CA ALA B 298 18.74 0.36 35.88
C ALA B 298 20.19 0.80 36.14
N PHE B 299 21.14 0.11 35.52
CA PHE B 299 22.53 0.48 35.67
C PHE B 299 22.78 1.92 35.18
N LEU B 300 22.18 2.28 34.04
CA LEU B 300 22.40 3.60 33.45
C LEU B 300 21.76 4.69 34.33
N LEU B 301 20.62 4.37 34.93
CA LEU B 301 19.97 5.26 35.90
C LEU B 301 20.86 5.51 37.13
N SER B 302 21.42 4.44 37.69
CA SER B 302 22.31 4.56 38.82
C SER B 302 23.49 5.46 38.47
N ALA B 303 24.05 5.24 37.28
CA ALA B 303 25.26 5.97 36.87
C ALA B 303 24.96 7.42 36.47
N GLY B 304 23.70 7.75 36.21
CA GLY B 304 23.34 9.04 35.65
C GLY B 304 23.70 9.15 34.19
N LEU B 305 23.70 8.00 33.49
CA LEU B 305 23.94 7.96 32.04
C LEU B 305 22.62 7.99 31.29
N PRO B 306 22.62 8.52 30.06
CA PRO B 306 21.39 8.49 29.27
C PRO B 306 20.97 7.07 28.87
N LEU B 307 19.67 6.89 28.71
CA LEU B 307 19.14 5.57 28.36
C LEU B 307 18.98 5.47 26.85
N PRO B 308 19.08 4.25 26.32
CA PRO B 308 18.91 4.07 24.88
C PRO B 308 17.54 4.52 24.41
N LYS B 309 17.42 4.84 23.14
CA LYS B 309 16.13 5.28 22.60
C LYS B 309 15.19 4.10 22.34
N LYS B 310 15.74 3.00 21.85
CA LYS B 310 14.92 1.86 21.47
C LYS B 310 15.61 0.53 21.71
N ILE B 311 14.82 -0.47 22.10
CA ILE B 311 15.28 -1.85 22.14
C ILE B 311 14.33 -2.64 21.25
N VAL B 312 14.87 -3.28 20.22
CA VAL B 312 14.08 -4.15 19.36
C VAL B 312 14.44 -5.63 19.61
N ALA B 313 13.42 -6.42 19.96
CA ALA B 313 13.61 -7.83 20.30
C ALA B 313 12.87 -8.68 19.28
N HIS B 314 13.61 -9.55 18.59
CA HIS B 314 13.08 -10.37 17.49
C HIS B 314 12.89 -11.79 17.93
N GLY B 315 12.44 -12.65 17.02
CA GLY B 315 12.18 -14.06 17.34
C GLY B 315 13.28 -15.05 17.01
N TRP B 316 12.93 -16.34 17.12
CA TRP B 316 13.86 -17.45 16.85
CA TRP B 316 13.84 -17.47 16.85
C TRP B 316 13.44 -18.15 15.59
N TRP B 317 14.40 -18.45 14.71
CA TRP B 317 14.09 -19.15 13.46
C TRP B 317 13.92 -20.62 13.63
N THR B 318 13.07 -21.20 12.80
CA THR B 318 13.03 -22.65 12.56
C THR B 318 13.34 -22.94 11.09
N LYS B 319 13.49 -24.22 10.75
CA LYS B 319 13.70 -24.64 9.36
C LYS B 319 12.84 -25.85 9.06
N ASP B 320 12.05 -25.76 7.99
CA ASP B 320 11.05 -26.76 7.63
C ASP B 320 10.16 -27.05 8.84
N ARG B 321 9.77 -25.97 9.52
CA ARG B 321 8.89 -26.00 10.69
C ARG B 321 9.39 -26.84 11.88
N LYS B 322 10.68 -27.15 11.92
CA LYS B 322 11.27 -27.93 13.04
C LYS B 322 12.41 -27.14 13.68
N LYS B 323 12.79 -27.50 14.90
CA LYS B 323 13.87 -26.81 15.62
C LYS B 323 15.20 -26.95 14.88
N ILE B 324 15.93 -25.85 14.75
CA ILE B 324 17.25 -25.90 14.11
C ILE B 324 18.23 -26.51 15.12
N SER B 325 18.81 -27.64 14.75
CA SER B 325 19.73 -28.39 15.61
C SER B 325 20.58 -29.32 14.76
N LYS B 326 21.89 -29.29 14.98
CA LYS B 326 22.82 -30.15 14.25
C LYS B 326 22.62 -31.61 14.67
N SER B 327 22.36 -31.82 15.97
CA SER B 327 22.20 -33.17 16.54
C SER B 327 20.85 -33.82 16.25
N LEU B 328 19.87 -33.03 15.79
CA LEU B 328 18.57 -33.55 15.37
C LEU B 328 18.42 -33.49 13.83
N GLY B 329 19.55 -33.46 13.12
CA GLY B 329 19.56 -33.54 11.66
C GLY B 329 18.89 -32.41 10.90
N ASN B 330 18.77 -31.24 11.53
CA ASN B 330 18.14 -30.09 10.90
C ASN B 330 19.04 -28.83 10.97
N VAL B 331 20.09 -28.85 10.16
CA VAL B 331 21.06 -27.76 10.09
C VAL B 331 20.53 -26.65 9.20
N PHE B 332 20.62 -25.40 9.67
CA PHE B 332 20.37 -24.23 8.82
C PHE B 332 21.57 -23.28 8.85
N ASP B 333 22.38 -23.39 7.79
CA ASP B 333 23.66 -22.70 7.68
C ASP B 333 23.52 -21.49 6.73
N PRO B 334 23.49 -20.28 7.29
CA PRO B 334 23.32 -19.09 6.46
C PRO B 334 24.35 -18.98 5.33
N VAL B 335 25.63 -19.21 5.61
CA VAL B 335 26.63 -19.10 4.56
C VAL B 335 26.33 -20.10 3.43
N GLU B 336 25.97 -21.32 3.79
CA GLU B 336 25.68 -22.36 2.80
C GLU B 336 24.55 -21.94 1.86
N LYS B 337 23.46 -21.43 2.43
CA LYS B 337 22.29 -21.06 1.64
C LYS B 337 22.56 -19.82 0.82
N ALA B 338 23.32 -18.89 1.40
CA ALA B 338 23.77 -17.69 0.69
C ALA B 338 24.55 -18.08 -0.58
N GLU B 339 25.42 -19.08 -0.46
CA GLU B 339 26.17 -19.59 -1.61
C GLU B 339 25.24 -20.20 -2.67
N GLU B 340 24.17 -20.84 -2.22
CA GLU B 340 23.23 -21.53 -3.11
C GLU B 340 22.31 -20.55 -3.83
N PHE B 341 21.76 -19.58 -3.09
CA PHE B 341 20.69 -18.69 -3.61
C PHE B 341 21.11 -17.24 -3.82
N GLY B 342 22.26 -16.85 -3.28
CA GLY B 342 22.67 -15.44 -3.28
C GLY B 342 22.62 -14.84 -1.87
N TYR B 343 23.60 -13.99 -1.58
CA TYR B 343 23.71 -13.36 -0.27
C TYR B 343 22.62 -12.31 -0.06
N ASP B 344 22.48 -11.39 -1.01
CA ASP B 344 21.40 -10.41 -0.95
C ASP B 344 20.05 -11.11 -0.94
N ALA B 345 19.91 -12.17 -1.73
CA ALA B 345 18.66 -12.89 -1.83
C ALA B 345 18.26 -13.46 -0.46
N LEU B 346 19.22 -14.08 0.21
CA LEU B 346 18.96 -14.66 1.51
C LEU B 346 18.62 -13.58 2.52
N LYS B 347 19.41 -12.51 2.52
CA LYS B 347 19.19 -11.41 3.44
C LYS B 347 17.78 -10.87 3.24
N TYR B 348 17.39 -10.64 1.98
CA TYR B 348 16.01 -10.24 1.67
C TYR B 348 14.99 -11.22 2.25
N PHE B 349 15.22 -12.52 2.07
CA PHE B 349 14.30 -13.49 2.63
C PHE B 349 14.19 -13.40 4.15
N LEU B 350 15.32 -13.40 4.84
CA LEU B 350 15.29 -13.38 6.30
C LEU B 350 14.54 -12.15 6.84
N LEU B 351 14.69 -11.03 6.15
CA LEU B 351 14.10 -9.78 6.62
C LEU B 351 12.69 -9.61 6.14
N ARG B 352 12.31 -10.30 5.05
CA ARG B 352 10.99 -10.14 4.44
C ARG B 352 9.99 -11.20 4.92
N GLU B 353 10.48 -12.43 5.11
CA GLU B 353 9.62 -13.56 5.45
C GLU B 353 8.91 -13.40 6.79
N SER B 354 9.56 -12.79 7.76
CA SER B 354 8.98 -12.67 9.08
C SER B 354 9.30 -11.34 9.72
N GLY B 355 8.37 -10.87 10.55
CA GLY B 355 8.58 -9.70 11.38
C GLY B 355 9.24 -10.05 12.70
N PHE B 356 9.51 -9.03 13.52
CA PHE B 356 10.18 -9.21 14.80
C PHE B 356 9.23 -9.76 15.84
N SER B 357 7.93 -9.67 15.59
CA SER B 357 6.92 -10.25 16.48
C SER B 357 6.80 -11.77 16.29
N ASP B 358 7.40 -12.30 15.22
CA ASP B 358 7.23 -13.69 14.84
C ASP B 358 8.52 -14.47 14.96
N ASP B 359 8.36 -15.77 15.14
CA ASP B 359 9.44 -16.72 14.97
C ASP B 359 9.37 -17.20 13.53
N GLY B 360 10.25 -16.66 12.68
CA GLY B 360 10.24 -17.00 11.26
C GLY B 360 10.60 -18.44 10.93
N ASP B 361 10.18 -18.89 9.76
CA ASP B 361 10.47 -20.25 9.29
C ASP B 361 11.12 -20.25 7.90
N TYR B 362 12.34 -20.77 7.81
CA TYR B 362 13.02 -20.93 6.54
C TYR B 362 12.64 -22.27 5.89
N SER B 363 12.40 -22.25 4.57
CA SER B 363 12.45 -23.47 3.74
C SER B 363 13.00 -23.13 2.36
N ASP B 364 13.58 -24.11 1.69
CA ASP B 364 14.09 -23.89 0.34
C ASP B 364 12.93 -23.53 -0.59
N LYS B 365 11.78 -24.13 -0.36
CA LYS B 365 10.57 -23.85 -1.12
C LYS B 365 10.17 -22.37 -1.09
N ASN B 366 10.09 -21.81 0.10
CA ASN B 366 9.63 -20.42 0.28
C ASN B 366 10.67 -19.39 -0.10
N MET B 367 11.94 -19.76 0.07
CA MET B 367 13.06 -18.94 -0.38
C MET B 367 13.00 -18.77 -1.89
N ILE B 368 12.75 -19.89 -2.58
CA ILE B 368 12.59 -19.89 -4.01
C ILE B 368 11.32 -19.13 -4.43
N ALA B 369 10.23 -19.34 -3.69
CA ALA B 369 9.00 -18.59 -3.97
C ALA B 369 9.25 -17.07 -4.00
N ARG B 370 9.95 -16.57 -2.99
CA ARG B 370 10.22 -15.13 -2.89
C ARG B 370 11.29 -14.62 -3.87
N LEU B 371 12.32 -15.41 -4.10
CA LEU B 371 13.38 -15.04 -5.04
C LEU B 371 12.79 -14.88 -6.46
N ASN B 372 12.02 -15.88 -6.88
CA ASN B 372 11.40 -15.87 -8.20
C ASN B 372 10.31 -14.81 -8.33
N GLY B 373 9.46 -14.71 -7.31
CA GLY B 373 8.27 -13.85 -7.37
C GLY B 373 8.52 -12.38 -7.10
N GLU B 374 9.21 -12.08 -6.01
CA GLU B 374 9.51 -10.68 -5.68
C GLU B 374 10.78 -10.22 -6.37
N LEU B 375 11.88 -10.91 -6.14
CA LEU B 375 13.20 -10.44 -6.58
C LEU B 375 13.43 -10.48 -8.10
N ALA B 376 13.00 -11.56 -8.77
CA ALA B 376 13.16 -11.68 -10.22
C ALA B 376 11.98 -11.06 -10.97
N ASP B 377 10.78 -11.56 -10.68
CA ASP B 377 9.57 -11.18 -11.42
C ASP B 377 9.09 -9.76 -11.15
N THR B 378 9.36 -9.22 -9.97
CA THR B 378 8.92 -7.87 -9.67
C THR B 378 10.07 -6.89 -9.88
N LEU B 379 11.16 -7.04 -9.14
CA LEU B 379 12.26 -6.07 -9.24
C LEU B 379 13.08 -6.28 -10.51
N GLY B 380 13.68 -7.45 -10.66
CA GLY B 380 14.57 -7.72 -11.77
C GLY B 380 13.98 -7.48 -13.14
N ASN B 381 12.77 -7.98 -13.34
CA ASN B 381 12.05 -7.86 -14.61
C ASN B 381 11.83 -6.39 -14.97
N LEU B 382 11.48 -5.60 -13.96
CA LEU B 382 11.26 -4.18 -14.14
C LEU B 382 12.56 -3.46 -14.50
N VAL B 383 13.66 -3.89 -13.88
CA VAL B 383 14.97 -3.31 -14.15
C VAL B 383 15.40 -3.56 -15.59
N MET B 384 15.13 -4.77 -16.07
CA MET B 384 15.44 -5.13 -17.45
C MET B 384 14.59 -4.35 -18.44
N ARG B 385 13.29 -4.24 -18.16
CA ARG B 385 12.36 -3.51 -19.03
C ARG B 385 12.76 -2.06 -19.24
N CYS B 386 13.09 -1.34 -18.16
CA CYS B 386 13.42 0.08 -18.32
C CYS B 386 14.82 0.33 -18.91
N THR B 387 15.71 -0.66 -18.84
CA THR B 387 17.07 -0.54 -19.38
C THR B 387 17.26 -1.28 -20.70
N SER B 388 16.18 -1.83 -21.23
CA SER B 388 16.22 -2.67 -22.43
C SER B 388 16.50 -1.85 -23.70
N ALA B 389 17.33 -2.42 -24.57
CA ALA B 389 17.67 -1.80 -25.85
C ALA B 389 16.44 -1.60 -26.75
N LYS B 390 15.45 -2.49 -26.64
CA LYS B 390 14.25 -2.39 -27.48
C LYS B 390 13.39 -1.20 -27.10
N ILE B 391 13.30 -0.93 -25.80
CA ILE B 391 12.39 0.07 -25.26
C ILE B 391 13.09 1.42 -25.09
N ASN B 392 14.24 1.37 -24.44
CA ASN B 392 15.10 2.54 -24.26
C ASN B 392 16.15 2.55 -25.37
N VAL B 393 15.76 3.03 -26.55
CA VAL B 393 16.63 2.91 -27.72
C VAL B 393 17.91 3.77 -27.62
N ASN B 394 17.81 4.96 -27.02
CA ASN B 394 18.96 5.87 -26.96
C ASN B 394 19.89 5.68 -25.77
N GLY B 395 19.64 4.64 -24.97
CA GLY B 395 20.45 4.35 -23.79
C GLY B 395 20.63 5.58 -22.92
N GLU B 396 19.52 6.17 -22.48
CA GLU B 396 19.55 7.39 -21.69
C GLU B 396 18.24 7.63 -20.96
N TRP B 397 18.31 8.46 -19.92
CA TRP B 397 17.14 8.96 -19.24
C TRP B 397 16.50 10.00 -20.13
N PRO B 398 15.20 9.84 -20.45
CA PRO B 398 14.60 10.83 -21.33
C PRO B 398 14.02 12.00 -20.58
N SER B 399 13.86 13.11 -21.29
CA SER B 399 13.17 14.26 -20.76
C SER B 399 11.69 14.01 -20.96
N PRO B 400 10.91 13.97 -19.86
CA PRO B 400 9.52 13.57 -20.01
C PRO B 400 8.70 14.66 -20.67
N ALA B 401 7.62 14.28 -21.33
CA ALA B 401 6.63 15.23 -21.87
C ALA B 401 5.57 15.50 -20.80
N ALA B 402 4.38 15.93 -21.20
CA ALA B 402 3.34 16.29 -20.22
C ALA B 402 2.82 15.06 -19.47
N TYR B 403 2.48 15.25 -18.20
CA TYR B 403 2.00 14.16 -17.35
C TYR B 403 0.47 13.99 -17.41
N THR B 404 0.02 12.76 -17.62
CA THR B 404 -1.40 12.43 -17.52
C THR B 404 -1.75 12.26 -16.04
N GLU B 405 -3.03 12.07 -15.73
CA GLU B 405 -3.42 11.77 -14.36
C GLU B 405 -2.83 10.46 -13.89
N GLU B 406 -2.88 9.45 -14.75
CA GLU B 406 -2.35 8.14 -14.38
C GLU B 406 -0.86 8.25 -14.03
N ASP B 407 -0.10 9.03 -14.81
CA ASP B 407 1.29 9.35 -14.49
C ASP B 407 1.43 9.96 -13.09
N GLU B 408 0.63 10.98 -12.79
CA GLU B 408 0.69 11.65 -11.50
C GLU B 408 0.40 10.71 -10.35
N SER B 409 -0.49 9.74 -10.58
CA SER B 409 -0.84 8.78 -9.54
C SER B 409 0.35 7.90 -9.17
N LEU B 410 1.15 7.47 -10.16
CA LEU B 410 2.35 6.68 -9.88
C LEU B 410 3.45 7.57 -9.32
N ILE B 411 3.58 8.78 -9.87
CA ILE B 411 4.55 9.75 -9.37
C ILE B 411 4.31 10.08 -7.90
N GLN B 412 3.05 10.11 -7.48
CA GLN B 412 2.71 10.37 -6.07
C GLN B 412 3.17 9.21 -5.19
N LEU B 413 2.99 7.97 -5.65
CA LEU B 413 3.39 6.81 -4.86
C LEU B 413 4.87 6.87 -4.63
N ILE B 414 5.60 7.28 -5.66
CA ILE B 414 7.05 7.35 -5.61
C ILE B 414 7.49 8.47 -4.68
N LYS B 415 6.91 9.66 -4.85
CA LYS B 415 7.14 10.77 -3.92
C LYS B 415 6.89 10.41 -2.45
N ASP B 416 5.81 9.67 -2.19
CA ASP B 416 5.43 9.32 -0.81
C ASP B 416 6.30 8.21 -0.22
N LEU B 417 6.83 7.34 -1.07
CA LEU B 417 7.59 6.18 -0.60
C LEU B 417 8.66 6.46 0.47
N PRO B 418 9.57 7.44 0.22
CA PRO B 418 10.63 7.66 1.21
C PRO B 418 10.12 7.91 2.63
N GLY B 419 9.13 8.77 2.78
CA GLY B 419 8.61 9.07 4.10
C GLY B 419 7.97 7.86 4.77
N THR B 420 7.25 7.06 4.00
CA THR B 420 6.69 5.83 4.50
C THR B 420 7.81 4.90 4.94
N ALA B 421 8.76 4.68 4.02
CA ALA B 421 9.89 3.79 4.28
C ALA B 421 10.67 4.27 5.51
N ASP B 422 10.95 5.57 5.56
CA ASP B 422 11.71 6.12 6.68
C ASP B 422 11.10 5.81 8.04
N HIS B 423 9.78 5.92 8.15
CA HIS B 423 9.08 5.65 9.40
C HIS B 423 9.25 4.22 9.80
N TYR B 424 9.00 3.32 8.86
CA TYR B 424 9.15 1.92 9.16
C TYR B 424 10.58 1.62 9.60
N TYR B 425 11.58 2.19 8.91
CA TYR B 425 12.98 1.94 9.26
C TYR B 425 13.27 2.43 10.68
N LEU B 426 12.63 3.51 11.08
CA LEU B 426 12.86 4.07 12.40
C LEU B 426 12.15 3.34 13.54
N ILE B 427 11.15 2.50 13.24
CA ILE B 427 10.36 1.88 14.28
C ILE B 427 11.23 1.07 15.24
N PRO B 428 12.07 0.16 14.72
CA PRO B 428 12.25 -0.35 13.36
C PRO B 428 11.32 -1.51 13.02
N ASP B 429 10.93 -1.58 11.76
CA ASP B 429 10.08 -2.66 11.27
C ASP B 429 10.50 -2.84 9.82
N ILE B 430 11.55 -3.62 9.62
CA ILE B 430 12.21 -3.71 8.34
C ILE B 430 11.33 -4.43 7.32
N GLN B 431 10.52 -5.37 7.80
CA GLN B 431 9.62 -6.08 6.93
C GLN B 431 8.62 -5.12 6.28
N LYS B 432 8.03 -4.23 7.06
CA LYS B 432 7.06 -3.28 6.51
C LYS B 432 7.77 -2.28 5.59
N ALA B 433 9.02 -1.94 5.91
CA ALA B 433 9.80 -1.11 5.03
C ALA B 433 9.85 -1.79 3.67
N ILE B 434 10.20 -3.08 3.65
CA ILE B 434 10.36 -3.83 2.39
C ILE B 434 9.04 -3.92 1.63
N ILE B 435 7.97 -4.22 2.35
CA ILE B 435 6.67 -4.37 1.73
C ILE B 435 6.25 -3.07 1.06
N ALA B 436 6.53 -1.96 1.73
CA ALA B 436 6.09 -0.67 1.22
C ALA B 436 6.82 -0.38 -0.08
N VAL B 437 8.13 -0.64 -0.11
CA VAL B 437 8.88 -0.42 -1.33
C VAL B 437 8.32 -1.31 -2.44
N PHE B 438 8.05 -2.56 -2.11
CA PHE B 438 7.59 -3.49 -3.13
C PHE B 438 6.18 -3.19 -3.62
N ASP B 439 5.38 -2.53 -2.78
CA ASP B 439 4.08 -2.04 -3.24
C ASP B 439 4.27 -1.08 -4.42
N VAL B 440 5.27 -0.21 -4.31
CA VAL B 440 5.56 0.76 -5.35
C VAL B 440 6.11 0.03 -6.54
N LEU B 441 6.96 -0.96 -6.32
CA LEU B 441 7.47 -1.75 -7.46
C LEU B 441 6.33 -2.41 -8.23
N ARG B 442 5.39 -3.01 -7.52
CA ARG B 442 4.24 -3.60 -8.17
C ARG B 442 3.48 -2.55 -8.99
N ALA B 443 3.30 -1.37 -8.40
CA ALA B 443 2.55 -0.31 -9.06
C ALA B 443 3.29 0.15 -10.32
N ILE B 444 4.62 0.23 -10.24
CA ILE B 444 5.42 0.58 -11.43
C ILE B 444 5.25 -0.47 -12.54
N ASN B 445 5.31 -1.75 -12.21
CA ASN B 445 5.04 -2.79 -13.22
C ASN B 445 3.64 -2.70 -13.85
N ALA B 446 2.61 -2.53 -13.01
CA ALA B 446 1.23 -2.30 -13.48
C ALA B 446 1.23 -1.18 -14.53
N TYR B 447 1.81 -0.05 -14.14
CA TYR B 447 1.94 1.10 -15.02
C TYR B 447 2.66 0.76 -16.33
N VAL B 448 3.77 0.03 -16.22
CA VAL B 448 4.52 -0.35 -17.42
C VAL B 448 3.68 -1.24 -18.32
N THR B 449 2.97 -2.19 -17.70
CA THR B 449 2.12 -3.09 -18.46
C THR B 449 1.00 -2.32 -19.15
N ASP B 450 0.43 -1.34 -18.47
CA ASP B 450 -0.65 -0.55 -19.04
C ASP B 450 -0.18 0.31 -20.19
N MET B 451 1.02 0.88 -20.07
CA MET B 451 1.50 1.82 -21.06
C MET B 451 2.12 1.11 -22.27
N ALA B 452 2.47 -0.16 -22.10
CA ALA B 452 3.02 -0.98 -23.18
C ALA B 452 4.12 -0.24 -23.97
N PRO B 453 5.16 0.24 -23.27
CA PRO B 453 6.14 1.14 -23.90
C PRO B 453 6.88 0.53 -25.10
N TRP B 454 6.95 -0.80 -25.15
CA TRP B 454 7.47 -1.49 -26.33
C TRP B 454 6.75 -1.13 -27.61
N LYS B 455 5.42 -0.96 -27.53
CA LYS B 455 4.63 -0.50 -28.69
C LYS B 455 4.78 0.99 -28.93
N LEU B 456 5.05 1.74 -27.87
CA LEU B 456 5.20 3.19 -27.99
C LEU B 456 6.45 3.61 -28.76
N VAL B 457 7.49 2.77 -28.78
CA VAL B 457 8.73 3.14 -29.48
C VAL B 457 8.49 3.39 -30.97
N LYS B 458 7.44 2.76 -31.52
CA LYS B 458 7.03 2.96 -32.91
C LYS B 458 5.87 3.96 -33.01
N THR B 459 4.86 3.77 -32.17
CA THR B 459 3.61 4.54 -32.19
C THR B 459 3.74 6.00 -31.75
N ASP B 460 4.41 6.22 -30.62
CA ASP B 460 4.35 7.51 -29.94
C ASP B 460 5.62 7.73 -29.12
N PRO B 461 6.71 8.19 -29.75
CA PRO B 461 7.95 8.32 -28.99
C PRO B 461 7.89 9.44 -27.94
N GLU B 462 7.13 10.49 -28.20
CA GLU B 462 6.95 11.58 -27.23
C GLU B 462 6.37 11.01 -25.93
N ARG B 463 5.35 10.17 -26.04
CA ARG B 463 4.76 9.52 -24.88
C ARG B 463 5.71 8.53 -24.20
N LEU B 464 6.51 7.82 -24.99
CA LEU B 464 7.48 6.87 -24.42
C LEU B 464 8.44 7.59 -23.49
N ARG B 465 8.85 8.80 -23.87
CA ARG B 465 9.75 9.60 -23.05
C ARG B 465 9.20 9.77 -21.64
N THR B 466 7.91 10.07 -21.54
CA THR B 466 7.27 10.27 -20.25
C THR B 466 7.23 8.97 -19.47
N VAL B 467 6.67 7.94 -20.09
CA VAL B 467 6.50 6.63 -19.42
C VAL B 467 7.84 6.10 -18.93
N LEU B 468 8.85 6.25 -19.77
CA LEU B 468 10.17 5.72 -19.49
C LEU B 468 10.87 6.49 -18.40
N TYR B 469 10.71 7.81 -18.40
CA TYR B 469 11.32 8.63 -17.38
C TYR B 469 10.80 8.28 -15.97
N ILE B 470 9.48 8.07 -15.88
CA ILE B 470 8.84 7.79 -14.61
C ILE B 470 9.28 6.41 -14.11
N THR B 471 9.30 5.43 -15.01
CA THR B 471 9.71 4.09 -14.66
C THR B 471 11.11 4.11 -14.08
N LEU B 472 12.05 4.67 -14.83
CA LEU B 472 13.45 4.80 -14.41
C LEU B 472 13.57 5.44 -13.04
N GLU B 473 12.84 6.52 -12.80
CA GLU B 473 12.94 7.24 -11.55
C GLU B 473 12.30 6.43 -10.42
N GLY B 474 11.23 5.72 -10.74
CA GLY B 474 10.63 4.81 -9.76
C GLY B 474 11.62 3.72 -9.35
N VAL B 475 12.28 3.12 -10.34
CA VAL B 475 13.23 2.06 -10.04
C VAL B 475 14.37 2.62 -9.19
N ARG B 476 14.80 3.87 -9.44
CA ARG B 476 15.90 4.45 -8.70
C ARG B 476 15.55 4.66 -7.25
N VAL B 477 14.41 5.29 -7.00
CA VAL B 477 13.98 5.58 -5.63
C VAL B 477 13.75 4.28 -4.83
N THR B 478 13.05 3.32 -5.42
CA THR B 478 12.79 2.06 -4.75
C THR B 478 14.10 1.31 -4.49
N THR B 479 15.03 1.36 -5.45
CA THR B 479 16.32 0.72 -5.29
C THR B 479 17.11 1.41 -4.16
N LEU B 480 17.10 2.74 -4.16
CA LEU B 480 17.79 3.51 -3.12
C LEU B 480 17.32 3.06 -1.73
N LEU B 481 16.01 2.96 -1.55
CA LEU B 481 15.46 2.57 -0.27
C LEU B 481 15.60 1.09 0.03
N LEU B 482 15.78 0.25 -1.00
CA LEU B 482 16.12 -1.17 -0.78
C LEU B 482 17.62 -1.42 -0.62
N SER B 483 18.47 -0.42 -0.83
CA SER B 483 19.90 -0.66 -0.82
C SER B 483 20.43 -1.20 0.52
N PRO B 484 19.79 -0.85 1.65
CA PRO B 484 20.23 -1.49 2.87
C PRO B 484 19.93 -2.99 2.92
N ILE B 485 18.89 -3.41 2.21
CA ILE B 485 18.45 -4.80 2.19
C ILE B 485 19.29 -5.55 1.16
N LEU B 486 19.50 -4.92 0.00
CA LEU B 486 20.26 -5.53 -1.09
C LEU B 486 21.49 -4.68 -1.43
N PRO B 487 22.47 -4.63 -0.52
CA PRO B 487 23.60 -3.72 -0.73
C PRO B 487 24.40 -3.98 -2.02
N ARG B 488 24.62 -5.25 -2.39
CA ARG B 488 25.36 -5.55 -3.61
C ARG B 488 24.53 -5.39 -4.88
N LYS B 489 23.35 -6.01 -4.90
CA LYS B 489 22.47 -5.94 -6.07
C LYS B 489 22.01 -4.53 -6.39
N SER B 490 21.87 -3.67 -5.38
CA SER B 490 21.51 -2.29 -5.61
C SER B 490 22.57 -1.55 -6.40
N VAL B 491 23.84 -1.84 -6.13
CA VAL B 491 24.93 -1.26 -6.89
C VAL B 491 24.82 -1.72 -8.35
N VAL B 492 24.55 -3.00 -8.58
CA VAL B 492 24.35 -3.49 -9.96
C VAL B 492 23.23 -2.73 -10.66
N ILE B 493 22.10 -2.55 -9.97
CA ILE B 493 20.94 -1.88 -10.56
C ILE B 493 21.33 -0.46 -10.87
N PHE B 494 21.94 0.24 -9.92
CA PHE B 494 22.40 1.61 -10.17
C PHE B 494 23.40 1.70 -11.32
N ASP B 495 24.30 0.72 -11.43
CA ASP B 495 25.19 0.71 -12.60
C ASP B 495 24.41 0.60 -13.91
N MET B 496 23.37 -0.23 -13.93
CA MET B 496 22.60 -0.42 -15.17
C MET B 496 21.88 0.85 -15.58
N LEU B 497 21.27 1.50 -14.60
CA LEU B 497 20.54 2.75 -14.82
C LEU B 497 21.47 3.93 -15.06
N GLY B 498 22.75 3.75 -14.81
CA GLY B 498 23.73 4.81 -14.96
C GLY B 498 23.56 5.94 -13.98
N VAL B 499 23.03 5.64 -12.79
CA VAL B 499 22.89 6.65 -11.73
C VAL B 499 24.27 7.01 -11.23
N PRO B 500 24.62 8.31 -11.26
CA PRO B 500 25.93 8.69 -10.74
C PRO B 500 26.05 8.42 -9.26
N GLU B 501 27.27 8.12 -8.82
CA GLU B 501 27.54 7.83 -7.41
C GLU B 501 26.92 8.83 -6.46
N VAL B 502 26.99 10.11 -6.83
CA VAL B 502 26.53 11.18 -5.99
C VAL B 502 25.03 11.04 -5.67
N HIS B 503 24.24 10.49 -6.59
CA HIS B 503 22.80 10.30 -6.34
C HIS B 503 22.41 8.94 -5.77
N ARG B 504 23.36 8.16 -5.26
CA ARG B 504 23.08 6.80 -4.76
C ARG B 504 22.97 6.78 -3.23
N LYS B 505 23.02 7.97 -2.64
CA LYS B 505 23.24 8.17 -1.23
C LYS B 505 22.72 9.57 -0.88
N GLY B 506 22.07 9.73 0.27
CA GLY B 506 21.76 11.04 0.85
C GLY B 506 20.28 11.34 0.80
N ILE B 507 19.75 11.82 1.92
CA ILE B 507 18.32 12.16 2.06
C ILE B 507 17.82 13.03 0.91
N GLU B 508 18.68 13.92 0.39
CA GLU B 508 18.27 14.82 -0.69
C GLU B 508 17.95 14.09 -2.00
N ASN B 509 18.49 12.89 -2.18
CA ASN B 509 18.20 12.07 -3.35
C ASN B 509 17.03 11.07 -3.19
N PHE B 510 16.36 11.12 -2.05
CA PHE B 510 15.11 10.41 -1.90
C PHE B 510 14.07 11.06 -2.79
N GLU B 511 14.24 12.35 -3.08
CA GLU B 511 13.28 13.11 -3.86
C GLU B 511 13.20 12.70 -5.33
N PHE B 512 11.96 12.66 -5.82
CA PHE B 512 11.65 12.40 -7.21
C PHE B 512 12.32 13.43 -8.09
N GLY B 513 12.99 12.96 -9.13
CA GLY B 513 13.66 13.85 -10.11
C GLY B 513 15.10 14.20 -9.82
N ALA B 514 15.77 13.43 -8.96
CA ALA B 514 17.15 13.76 -8.59
C ALA B 514 18.18 13.46 -9.67
N VAL B 515 17.78 12.74 -10.72
CA VAL B 515 18.70 12.39 -11.80
C VAL B 515 18.17 13.05 -13.05
N PRO B 516 19.00 13.89 -13.68
CA PRO B 516 18.51 14.70 -14.79
C PRO B 516 18.40 13.94 -16.10
N PRO B 517 17.32 14.22 -16.87
CA PRO B 517 17.28 13.72 -18.23
C PRO B 517 18.60 13.98 -18.94
N GLY B 518 19.02 13.06 -19.80
CA GLY B 518 20.30 13.16 -20.49
C GLY B 518 21.29 12.19 -19.90
N THR B 519 21.08 11.77 -18.66
CA THR B 519 21.96 10.80 -18.04
C THR B 519 22.01 9.53 -18.88
N ARG B 520 23.22 9.06 -19.14
CA ARG B 520 23.41 7.85 -19.92
C ARG B 520 23.27 6.63 -19.03
N LEU B 521 22.55 5.62 -19.54
CA LEU B 521 22.54 4.30 -18.93
C LEU B 521 23.92 3.68 -18.99
N GLY B 522 24.15 2.68 -18.14
CA GLY B 522 25.36 1.88 -18.22
C GLY B 522 25.22 0.83 -19.31
N PRO B 523 26.34 0.24 -19.73
CA PRO B 523 26.29 -0.74 -20.82
C PRO B 523 25.44 -1.95 -20.43
N ALA B 524 24.48 -2.32 -21.28
CA ALA B 524 23.67 -3.52 -21.05
C ALA B 524 24.43 -4.75 -21.52
N VAL B 525 24.83 -5.62 -20.58
CA VAL B 525 25.69 -6.78 -20.86
C VAL B 525 24.94 -7.88 -21.65
N GLU B 526 25.68 -8.61 -22.49
CA GLU B 526 25.13 -9.52 -23.51
C GLU B 526 23.99 -10.45 -23.06
N GLY B 527 24.09 -11.02 -21.86
CA GLY B 527 23.06 -11.95 -21.37
C GLY B 527 22.85 -11.94 -19.87
N GLU B 528 23.12 -10.79 -19.24
CA GLU B 528 23.05 -10.68 -17.79
C GLU B 528 21.62 -10.78 -17.23
N VAL B 529 21.54 -11.25 -15.99
CA VAL B 529 20.29 -11.28 -15.24
C VAL B 529 20.59 -10.82 -13.82
N LEU B 530 19.66 -10.05 -13.24
CA LEU B 530 19.86 -9.49 -11.91
C LEU B 530 19.67 -10.58 -10.84
N PHE B 531 18.55 -11.29 -10.93
CA PHE B 531 18.27 -12.45 -10.10
C PHE B 531 17.82 -13.59 -10.99
N SER B 532 18.55 -14.70 -10.94
CA SER B 532 18.22 -15.86 -11.75
C SER B 532 17.12 -16.66 -11.07
N LYS B 533 16.06 -16.99 -11.83
CA LYS B 533 14.98 -17.82 -11.32
C LYS B 533 15.48 -19.25 -11.14
N ARG B 534 14.91 -19.98 -10.18
CA ARG B 534 15.37 -21.33 -9.85
C ARG B 534 14.26 -22.38 -9.81
N SER B 535 14.66 -23.63 -9.95
CA SER B 535 13.74 -24.74 -10.21
C SER B 535 12.58 -24.87 -9.21
N THR B 536 11.41 -25.24 -9.74
CA THR B 536 10.21 -25.50 -8.93
C THR B 536 10.42 -26.63 -7.93
C1 GOL C . -29.86 19.96 -44.96
O1 GOL C . -28.57 19.37 -45.01
C2 GOL C . -30.18 20.43 -46.36
O2 GOL C . -29.23 21.45 -46.70
C3 GOL C . -31.62 20.95 -46.37
O3 GOL C . -31.91 21.60 -47.61
C1 GOL D . -8.29 -7.85 -5.91
O1 GOL D . -8.33 -7.73 -7.34
C2 GOL D . -8.11 -9.29 -5.47
O2 GOL D . -9.22 -10.03 -5.99
C3 GOL D . -8.14 -9.35 -3.95
O3 GOL D . -9.48 -9.08 -3.53
C1 GOL E . -22.67 11.10 2.10
O1 GOL E . -21.80 11.52 3.19
C2 GOL E . -22.58 11.98 0.83
O2 GOL E . -23.87 12.51 0.49
C3 GOL E . -22.07 11.21 -0.38
O3 GOL E . -22.07 12.03 -1.54
C1 GOL F . -31.81 -10.83 -32.70
O1 GOL F . -31.09 -11.97 -33.20
C2 GOL F . -31.33 -9.56 -33.40
O2 GOL F . -29.97 -9.31 -33.03
C3 GOL F . -32.20 -8.37 -33.00
O3 GOL F . -32.53 -7.59 -34.15
C1 GOL G . -32.54 13.77 1.50
O1 GOL G . -31.26 14.24 1.04
C2 GOL G . -32.52 12.24 1.63
O2 GOL G . -32.12 11.66 0.38
C3 GOL G . -33.92 11.74 2.03
O3 GOL G . -34.28 10.54 1.33
C1 GOL H . -41.35 12.05 -34.41
O1 GOL H . -41.01 12.57 -35.71
C2 GOL H . -40.32 12.51 -33.39
O2 GOL H . -40.15 13.94 -33.48
C3 GOL H . -40.78 12.14 -31.99
O3 GOL H . -39.81 12.60 -31.05
C1 GOL I . -5.96 18.79 -4.44
O1 GOL I . -7.35 18.77 -4.86
C2 GOL I . -5.67 17.89 -3.24
O2 GOL I . -4.52 17.06 -3.50
C3 GOL I . -6.81 16.95 -2.86
O3 GOL I . -6.30 15.91 -2.00
C1 GOL J . -26.96 -0.99 2.92
O1 GOL J . -25.70 -1.02 2.21
C2 GOL J . -28.03 -0.07 2.34
O2 GOL J . -27.79 1.32 2.60
C3 GOL J . -29.37 -0.48 2.95
O3 GOL J . -30.46 0.05 2.17
C1 GOL K . -24.31 19.54 12.88
O1 GOL K . -23.38 18.91 13.77
C2 GOL K . -23.86 20.96 12.53
O2 GOL K . -24.56 21.41 11.37
C3 GOL K . -22.33 21.01 12.36
O3 GOL K . -21.89 21.67 11.16
S DMS L . -12.66 1.17 -31.97
O DMS L . -13.48 1.13 -33.20
C1 DMS L . -13.66 1.37 -30.62
C2 DMS L . -12.00 -0.37 -31.62
S DMS M . -17.09 -0.44 -30.95
O DMS M . -16.17 0.23 -31.90
C1 DMS M . -17.23 0.59 -29.60
C2 DMS M . -18.67 -0.43 -31.57
S DMS N . -14.12 2.64 -37.70
O DMS N . -12.94 3.40 -38.20
C1 DMS N . -13.78 1.83 -36.21
C2 DMS N . -15.34 3.73 -37.20
S DMS O . -17.62 2.77 -39.44
O DMS O . -17.92 1.95 -40.65
C1 DMS O . -17.34 4.43 -39.79
C2 DMS O . -19.05 2.89 -38.52
C1 GOL P . -0.59 -6.33 28.84
O1 GOL P . -1.38 -7.45 29.28
C2 GOL P . -0.74 -5.16 29.83
O2 GOL P . -1.74 -4.29 29.27
C3 GOL P . 0.61 -4.43 30.05
O3 GOL P . 0.75 -3.85 31.37
N MET Q . -28.35 4.42 -26.67
CA MET Q . -27.00 3.92 -26.81
C MET Q . -26.88 2.54 -26.15
O MET Q . -25.93 1.82 -26.44
CB MET Q . -25.97 4.87 -26.17
CG MET Q . -26.05 6.35 -26.59
SD MET Q . -24.88 7.43 -25.70
CE MET Q . -24.98 8.96 -26.64
OXT MET Q . -27.71 2.11 -25.32
S DMS R . 32.61 -6.29 9.07
O DMS R . 32.91 -7.19 7.93
C1 DMS R . 32.50 -4.67 8.52
C2 DMS R . 31.03 -6.63 9.62
C1 GOL S . 31.28 7.21 34.46
O1 GOL S . 30.87 6.62 35.69
C2 GOL S . 30.78 6.32 33.34
O2 GOL S . 31.20 4.98 33.63
C3 GOL S . 31.40 6.81 32.03
O3 GOL S . 30.89 6.11 30.89
C1 GOL T . 2.44 -10.87 3.32
O1 GOL T . 1.02 -10.69 3.48
C2 GOL T . 2.70 -12.31 2.92
O2 GOL T . 3.54 -12.90 3.91
C3 GOL T . 3.41 -12.39 1.59
O3 GOL T . 3.32 -13.73 1.12
C1 GOL U . 25.43 1.04 0.11
O1 GOL U . 24.88 -0.14 -0.53
C2 GOL U . 25.01 1.11 1.58
O2 GOL U . 24.20 -0.04 1.85
C3 GOL U . 26.26 1.18 2.48
O3 GOL U . 26.04 1.44 3.89
C1 GOL V . 40.87 -13.03 33.25
O1 GOL V . 41.09 -12.51 34.56
C2 GOL V . 41.01 -11.91 32.22
O2 GOL V . 42.39 -11.65 31.95
C3 GOL V . 40.34 -12.32 30.90
O3 GOL V . 39.89 -11.15 30.24
C1 GOL W . 23.47 -27.62 18.47
O1 GOL W . 23.65 -27.85 17.06
C2 GOL W . 22.61 -28.72 19.09
O2 GOL W . 22.99 -30.01 18.60
C3 GOL W . 22.74 -28.72 20.61
O3 GOL W . 21.65 -28.01 21.21
C1 GOL X . 33.28 -2.47 -0.18
O1 GOL X . 33.08 -1.57 -1.27
C2 GOL X . 34.36 -3.48 -0.54
O2 GOL X . 34.01 -4.17 -1.75
C3 GOL X . 34.54 -4.49 0.58
O3 GOL X . 35.92 -4.88 0.69
C1 GOL Y . 8.39 -7.50 -24.06
O1 GOL Y . 9.02 -6.21 -24.07
C2 GOL Y . 6.87 -7.33 -24.27
O2 GOL Y . 6.13 -7.87 -23.17
C3 GOL Y . 6.42 -7.97 -25.58
O3 GOL Y . 6.41 -9.40 -25.45
C1 GOL Z . 17.75 21.70 13.89
O1 GOL Z . 16.52 20.96 13.80
C2 GOL Z . 18.85 20.85 14.49
O2 GOL Z . 18.53 19.49 14.16
C3 GOL Z . 20.23 21.38 14.02
O3 GOL Z . 21.27 20.40 13.74
C1 GOL AA . 15.84 3.55 47.67
O1 GOL AA . 16.05 2.36 48.43
C2 GOL AA . 16.74 4.69 48.15
O2 GOL AA . 15.95 5.89 48.20
C3 GOL AA . 17.97 4.93 47.29
O3 GOL AA . 18.11 3.97 46.23
C1 GOL BA . 23.26 -12.24 28.43
O1 GOL BA . 24.55 -12.82 28.54
C2 GOL BA . 23.37 -10.93 27.65
O2 GOL BA . 23.39 -9.84 28.57
C3 GOL BA . 24.63 -10.88 26.79
O3 GOL BA . 24.40 -9.94 25.74
CAE 0P6 CA . 28.04 -15.93 30.81
CAG 0P6 CA . 28.68 -16.02 32.04
CAK 0P6 CA . 29.53 -14.99 32.44
CAF 0P6 CA . 30.18 -15.05 33.69
CAC 0P6 CA . 31.03 -14.03 34.09
CAD 0P6 CA . 31.23 -12.94 33.25
CAJ 0P6 CA . 30.60 -12.89 32.01
OAB 0P6 CA . 30.78 -11.83 31.16
CAL 0P6 CA . 29.75 -13.90 31.59
NAH 0P6 CA . 29.12 -13.84 30.39
CAI 0P6 CA . 28.28 -14.82 29.99
NAA 0P6 CA . 27.67 -14.75 28.82
#